data_7OQZ
#
_entry.id   7OQZ
#
_cell.length_a   1.00
_cell.length_b   1.00
_cell.length_c   1.00
_cell.angle_alpha   90.00
_cell.angle_beta   90.00
_cell.angle_gamma   90.00
#
_symmetry.space_group_name_H-M   'P 1'
#
loop_
_entity.id
_entity.type
_entity.pdbx_description
1 polymer 'Transmembrane protein 45A'
2 non-polymer 1,2-DIACYL-SN-GLYCERO-3-PHOSPHOCHOLINE
#
_entity_poly.entity_id   1
_entity_poly.type   'polypeptide(L)'
_entity_poly.pdbx_seq_one_letter_code
;MNFRGHALPGTFFFIIGLWWCTKSILKYICKKQKRTCYLGSKTLFYRLEILEGITIVGMALTGMAGEQFIPGGPHLMLYD
YKQGHWNQLLGWHHFTMYFFFGLLGVADILCFTISSLPVSLTKLMLSNALFVEAFIFYNHTHGREMLDIFVHQLLVLVVF
LTGLVAFLEFLVRNNVLLELLRSSLILLQGSWFFQIGFVLYPPSGGPAWDLMDHENILFLTICFCWHYAVTIVIVGMNYA
FITWLVKSRLKRLCSSEVGLLKNAEREQESEEEMAENLYFQ
;
_entity_poly.pdbx_strand_id   A,B,C,D
#
# COMPACT_ATOMS: atom_id res chain seq x y z
N ASN A 2 -21.88 -28.12 12.28
CA ASN A 2 -20.94 -27.13 11.76
C ASN A 2 -21.61 -25.76 11.68
N PHE A 3 -22.94 -25.76 11.56
CA PHE A 3 -23.67 -24.50 11.52
C PHE A 3 -23.48 -23.72 12.81
N ARG A 4 -23.55 -24.40 13.96
CA ARG A 4 -23.27 -23.76 15.23
C ARG A 4 -21.83 -23.27 15.30
N GLY A 5 -20.89 -24.05 14.76
CA GLY A 5 -19.50 -23.65 14.76
C GLY A 5 -19.25 -22.41 13.93
N HIS A 6 -20.03 -22.21 12.87
CA HIS A 6 -19.96 -20.96 12.12
C HIS A 6 -20.69 -19.82 12.82
N ALA A 7 -21.81 -20.13 13.49
CA ALA A 7 -22.66 -19.08 14.04
C ALA A 7 -22.08 -18.46 15.31
N LEU A 8 -21.43 -19.26 16.15
CA LEU A 8 -20.90 -18.73 17.41
C LEU A 8 -19.91 -17.60 17.21
N PRO A 9 -18.90 -17.70 16.34
CA PRO A 9 -18.04 -16.54 16.10
C PRO A 9 -18.79 -15.33 15.58
N GLY A 10 -19.86 -15.54 14.82
CA GLY A 10 -20.67 -14.40 14.39
C GLY A 10 -21.25 -13.63 15.56
N THR A 11 -21.82 -14.35 16.52
CA THR A 11 -22.34 -13.68 17.72
C THR A 11 -21.23 -13.00 18.50
N PHE A 12 -20.08 -13.67 18.64
CA PHE A 12 -18.96 -13.06 19.37
C PHE A 12 -18.53 -11.76 18.72
N PHE A 13 -18.35 -11.77 17.39
CA PHE A 13 -17.92 -10.57 16.69
C PHE A 13 -18.97 -9.48 16.74
N PHE A 14 -20.25 -9.85 16.65
CA PHE A 14 -21.32 -8.85 16.74
C PHE A 14 -21.29 -8.16 18.09
N ILE A 15 -21.16 -8.94 19.17
CA ILE A 15 -21.12 -8.36 20.51
C ILE A 15 -19.90 -7.46 20.66
N ILE A 16 -18.74 -7.94 20.20
CA ILE A 16 -17.51 -7.16 20.34
C ILE A 16 -17.61 -5.84 19.57
N GLY A 17 -18.14 -5.89 18.34
CA GLY A 17 -18.29 -4.68 17.56
C GLY A 17 -19.24 -3.68 18.20
N LEU A 18 -20.37 -4.18 18.71
CA LEU A 18 -21.31 -3.28 19.40
C LEU A 18 -20.65 -2.65 20.62
N TRP A 19 -19.94 -3.44 21.41
CA TRP A 19 -19.30 -2.90 22.61
C TRP A 19 -18.25 -1.87 22.25
N TRP A 20 -17.44 -2.13 21.23
CA TRP A 20 -16.39 -1.20 20.83
C TRP A 20 -16.99 0.10 20.30
N CYS A 21 -18.05 0.00 19.48
CA CYS A 21 -18.70 1.21 18.98
C CYS A 21 -19.28 2.05 20.12
N THR A 22 -19.94 1.39 21.07
CA THR A 22 -20.50 2.11 22.21
C THR A 22 -19.40 2.78 23.02
N LYS A 23 -18.29 2.06 23.24
CA LYS A 23 -17.18 2.63 23.99
C LYS A 23 -16.60 3.85 23.29
N SER A 24 -16.41 3.76 21.98
CA SER A 24 -15.84 4.90 21.24
C SER A 24 -16.77 6.11 21.30
N ILE A 25 -18.06 5.89 21.08
CA ILE A 25 -19.01 7.02 21.12
C ILE A 25 -19.05 7.63 22.50
N LEU A 26 -19.06 6.80 23.55
CA LEU A 26 -19.08 7.31 24.92
C LEU A 26 -17.81 8.09 25.23
N LYS A 27 -16.66 7.61 24.75
CA LYS A 27 -15.42 8.34 24.97
C LYS A 27 -15.43 9.70 24.27
N TYR A 28 -15.94 9.75 23.04
CA TYR A 28 -16.03 11.03 22.35
C TYR A 28 -16.98 11.98 23.07
N ILE A 29 -18.10 11.46 23.57
CA ILE A 29 -19.05 12.29 24.31
C ILE A 29 -18.41 12.80 25.60
N CYS A 30 -17.65 11.95 26.29
CA CYS A 30 -16.97 12.38 27.50
C CYS A 30 -15.94 13.46 27.19
N LYS A 31 -15.22 13.33 26.07
CA LYS A 31 -14.30 14.39 25.67
C LYS A 31 -15.04 15.70 25.40
N LYS A 32 -16.20 15.63 24.74
CA LYS A 32 -17.00 16.82 24.53
C LYS A 32 -17.63 17.33 25.82
N GLN A 33 -17.72 16.47 26.84
CA GLN A 33 -18.39 16.85 28.08
C GLN A 33 -17.57 17.89 28.82
N LYS A 34 -18.27 18.76 29.56
CA LYS A 34 -17.60 19.84 30.26
C LYS A 34 -16.84 19.35 31.49
N ARG A 35 -17.44 18.41 32.23
CA ARG A 35 -16.86 18.00 33.50
C ARG A 35 -17.14 16.52 33.73
N THR A 36 -16.94 16.05 34.96
CA THR A 36 -17.08 14.64 35.31
C THR A 36 -18.50 14.31 35.77
N CYS A 37 -19.48 15.09 35.31
CA CYS A 37 -20.86 14.96 35.76
C CYS A 37 -21.41 13.55 35.52
N TYR A 38 -21.18 12.99 34.33
CA TYR A 38 -21.76 11.70 34.00
C TYR A 38 -20.72 10.67 33.58
N LEU A 39 -19.69 11.11 32.84
CA LEU A 39 -18.73 10.17 32.26
C LEU A 39 -17.27 10.57 32.47
N GLY A 40 -17.01 11.67 33.18
CA GLY A 40 -15.63 12.14 33.30
C GLY A 40 -14.76 11.23 34.13
N SER A 41 -15.36 10.40 34.99
CA SER A 41 -14.60 9.50 35.84
C SER A 41 -13.79 8.52 35.00
N LYS A 42 -12.53 8.35 35.35
CA LYS A 42 -11.64 7.44 34.62
C LYS A 42 -11.58 6.05 35.22
N THR A 43 -11.94 5.90 36.50
CA THR A 43 -12.00 4.57 37.09
C THR A 43 -13.03 3.69 36.40
N LEU A 44 -14.13 4.29 35.95
CA LEU A 44 -15.12 3.54 35.18
C LEU A 44 -14.52 3.00 33.89
N PHE A 45 -13.73 3.82 33.19
CA PHE A 45 -13.09 3.36 31.97
C PHE A 45 -12.10 2.23 32.25
N TYR A 46 -11.33 2.35 33.33
CA TYR A 46 -10.38 1.29 33.68
C TYR A 46 -11.11 -0.02 33.99
N ARG A 47 -12.20 0.06 34.75
CA ARG A 47 -12.98 -1.14 35.06
C ARG A 47 -13.57 -1.74 33.79
N LEU A 48 -14.07 -0.90 32.89
CA LEU A 48 -14.62 -1.40 31.64
C LEU A 48 -13.56 -2.09 30.80
N GLU A 49 -12.35 -1.52 30.75
CA GLU A 49 -11.27 -2.15 29.99
C GLU A 49 -10.88 -3.49 30.59
N ILE A 50 -10.81 -3.56 31.93
CA ILE A 50 -10.48 -4.83 32.58
C ILE A 50 -11.55 -5.88 32.28
N LEU A 51 -12.82 -5.48 32.37
CA LEU A 51 -13.91 -6.41 32.08
C LEU A 51 -13.87 -6.85 30.62
N GLU A 52 -13.57 -5.93 29.70
CA GLU A 52 -13.47 -6.28 28.29
C GLU A 52 -12.37 -7.30 28.06
N GLY A 53 -11.20 -7.09 28.66
CA GLY A 53 -10.13 -8.05 28.51
C GLY A 53 -10.49 -9.41 29.07
N ILE A 54 -11.10 -9.43 30.26
CA ILE A 54 -11.48 -10.70 30.88
C ILE A 54 -12.51 -11.42 30.02
N THR A 55 -13.50 -10.69 29.49
CA THR A 55 -14.50 -11.32 28.63
C THR A 55 -13.90 -11.84 27.34
N ILE A 56 -12.96 -11.10 26.75
CA ILE A 56 -12.32 -11.58 25.53
C ILE A 56 -11.54 -12.86 25.80
N VAL A 57 -10.79 -12.91 26.90
CA VAL A 57 -10.05 -14.11 27.24
C VAL A 57 -11.00 -15.27 27.49
N GLY A 58 -12.10 -15.02 28.20
CA GLY A 58 -13.06 -16.08 28.48
C GLY A 58 -13.71 -16.62 27.22
N MET A 59 -14.10 -15.72 26.31
CA MET A 59 -14.70 -16.16 25.06
C MET A 59 -13.71 -16.94 24.22
N ALA A 60 -12.44 -16.51 24.18
CA ALA A 60 -11.44 -17.26 23.45
C ALA A 60 -11.27 -18.66 24.02
N LEU A 61 -11.20 -18.77 25.36
CA LEU A 61 -11.07 -20.07 25.99
C LEU A 61 -12.28 -20.95 25.71
N THR A 62 -13.48 -20.37 25.78
CA THR A 62 -14.69 -21.14 25.52
C THR A 62 -14.74 -21.64 24.09
N GLY A 63 -14.38 -20.78 23.14
CA GLY A 63 -14.34 -21.20 21.74
C GLY A 63 -13.31 -22.28 21.49
N MET A 64 -12.13 -22.15 22.12
CA MET A 64 -11.10 -23.18 21.98
C MET A 64 -11.58 -24.52 22.51
N ALA A 65 -12.17 -24.51 23.72
CA ALA A 65 -12.64 -25.75 24.33
C ALA A 65 -13.76 -26.36 23.51
N GLY A 66 -14.70 -25.55 23.02
CA GLY A 66 -15.78 -26.08 22.22
C GLY A 66 -15.32 -26.63 20.89
N GLU A 67 -14.39 -25.94 20.24
CA GLU A 67 -13.90 -26.41 18.95
C GLU A 67 -13.15 -27.73 19.08
N GLN A 68 -12.32 -27.86 20.11
CA GLN A 68 -11.62 -29.13 20.35
C GLN A 68 -12.60 -30.11 20.97
N PHE A 69 -13.05 -31.08 20.16
CA PHE A 69 -13.96 -32.11 20.63
C PHE A 69 -13.30 -32.91 21.75
N ILE A 70 -12.03 -33.25 21.57
CA ILE A 70 -11.26 -33.92 22.62
C ILE A 70 -10.82 -32.88 23.64
N PRO A 71 -11.12 -33.06 24.93
CA PRO A 71 -10.75 -32.11 25.98
C PRO A 71 -9.25 -31.89 26.08
N GLY A 84 2.63 -39.64 15.12
CA GLY A 84 3.35 -39.45 13.87
C GLY A 84 2.44 -39.36 12.66
N HIS A 85 1.18 -39.00 12.90
CA HIS A 85 0.19 -38.86 11.84
C HIS A 85 -0.62 -37.60 12.12
N TRP A 86 -1.53 -37.26 11.21
CA TRP A 86 -2.36 -36.08 11.36
C TRP A 86 -3.82 -36.47 11.23
N ASN A 87 -4.65 -35.98 12.17
CA ASN A 87 -6.08 -36.21 12.13
C ASN A 87 -6.78 -34.94 12.60
N GLN A 88 -8.01 -34.76 12.11
CA GLN A 88 -8.84 -33.58 12.33
C GLN A 88 -8.00 -32.29 12.31
N LEU A 89 -7.16 -32.16 11.28
CA LEU A 89 -6.22 -31.05 11.23
C LEU A 89 -6.92 -29.71 11.04
N LEU A 90 -8.17 -29.72 10.57
CA LEU A 90 -8.87 -28.47 10.31
C LEU A 90 -9.17 -27.72 11.59
N GLY A 91 -9.41 -28.43 12.70
CA GLY A 91 -9.72 -27.76 13.95
C GLY A 91 -8.55 -27.02 14.56
N TRP A 92 -7.32 -27.42 14.22
CA TRP A 92 -6.15 -26.73 14.75
C TRP A 92 -6.08 -25.29 14.26
N HIS A 93 -6.63 -25.00 13.08
CA HIS A 93 -6.67 -23.62 12.62
C HIS A 93 -7.53 -22.75 13.52
N HIS A 94 -8.73 -23.24 13.86
CA HIS A 94 -9.58 -22.51 14.80
C HIS A 94 -8.91 -22.41 16.16
N PHE A 95 -8.22 -23.48 16.57
CA PHE A 95 -7.47 -23.45 17.83
C PHE A 95 -6.45 -22.32 17.82
N THR A 96 -5.69 -22.18 16.73
CA THR A 96 -4.68 -21.14 16.63
C THR A 96 -5.31 -19.76 16.62
N MET A 97 -6.42 -19.58 15.90
CA MET A 97 -7.09 -18.29 15.89
C MET A 97 -7.57 -17.89 17.29
N TYR A 98 -8.17 -18.84 18.01
CA TYR A 98 -8.63 -18.55 19.36
C TYR A 98 -7.45 -18.26 20.29
N PHE A 99 -6.34 -18.96 20.09
CA PHE A 99 -5.14 -18.70 20.88
C PHE A 99 -4.61 -17.30 20.65
N PHE A 100 -4.62 -16.85 19.39
CA PHE A 100 -4.16 -15.49 19.09
C PHE A 100 -5.08 -14.45 19.70
N PHE A 101 -6.39 -14.68 19.64
CA PHE A 101 -7.32 -13.73 20.27
C PHE A 101 -7.14 -13.71 21.78
N GLY A 102 -6.88 -14.87 22.40
CA GLY A 102 -6.59 -14.90 23.81
C GLY A 102 -5.30 -14.16 24.16
N LEU A 103 -4.29 -14.28 23.30
CA LEU A 103 -3.07 -13.50 23.49
C LEU A 103 -3.35 -12.01 23.41
N LEU A 104 -4.20 -11.59 22.47
CA LEU A 104 -4.60 -10.19 22.41
C LEU A 104 -5.26 -9.74 23.70
N GLY A 105 -6.18 -10.57 24.23
CA GLY A 105 -6.83 -10.21 25.48
C GLY A 105 -5.86 -10.11 26.64
N VAL A 106 -4.93 -11.06 26.74
CA VAL A 106 -3.94 -11.03 27.80
C VAL A 106 -3.06 -9.80 27.68
N ALA A 107 -2.66 -9.44 26.45
CA ALA A 107 -1.86 -8.25 26.23
C ALA A 107 -2.62 -7.00 26.64
N ASP A 108 -3.91 -6.93 26.33
CA ASP A 108 -4.71 -5.78 26.75
C ASP A 108 -4.79 -5.69 28.27
N ILE A 109 -4.98 -6.83 28.93
CA ILE A 109 -5.04 -6.84 30.39
C ILE A 109 -3.72 -6.36 30.99
N LEU A 110 -2.60 -6.85 30.45
CA LEU A 110 -1.29 -6.45 30.96
C LEU A 110 -1.05 -4.96 30.73
N CYS A 111 -1.43 -4.46 29.55
CA CYS A 111 -1.22 -3.04 29.24
C CYS A 111 -2.04 -2.16 30.17
N PHE A 112 -3.28 -2.53 30.46
CA PHE A 112 -4.09 -1.73 31.36
C PHE A 112 -3.80 -2.00 32.83
N THR A 113 -2.98 -3.01 33.13
CA THR A 113 -2.55 -3.28 34.50
C THR A 113 -1.26 -2.58 34.86
N ILE A 114 -0.28 -2.56 33.96
CA ILE A 114 1.00 -1.92 34.19
C ILE A 114 1.06 -0.65 33.35
N SER A 115 1.36 0.48 34.00
CA SER A 115 1.33 1.77 33.31
C SER A 115 2.52 1.97 32.38
N SER A 116 3.60 1.20 32.56
CA SER A 116 4.79 1.40 31.74
C SER A 116 4.52 1.09 30.28
N LEU A 117 3.74 0.03 30.01
CA LEU A 117 3.51 -0.37 28.63
C LEU A 117 2.65 0.66 27.91
N PRO A 118 2.95 0.95 26.64
CA PRO A 118 2.13 1.89 25.88
C PRO A 118 0.73 1.36 25.66
N VAL A 119 -0.23 2.28 25.55
CA VAL A 119 -1.63 1.91 25.37
C VAL A 119 -1.86 1.32 23.98
N SER A 120 -1.22 1.88 22.96
CA SER A 120 -1.48 1.47 21.58
C SER A 120 -1.03 0.04 21.30
N LEU A 121 -0.18 -0.53 22.16
CA LEU A 121 0.29 -1.89 21.96
C LEU A 121 -0.87 -2.84 21.74
N THR A 122 -1.91 -2.73 22.58
CA THR A 122 -3.08 -3.57 22.42
C THR A 122 -3.61 -3.51 20.99
N LYS A 123 -3.81 -2.29 20.48
CA LYS A 123 -4.26 -2.13 19.11
C LYS A 123 -3.38 -2.91 18.16
N LEU A 124 -2.06 -2.73 18.29
CA LEU A 124 -1.12 -3.45 17.44
C LEU A 124 -1.40 -4.94 17.49
N MET A 125 -1.50 -5.49 18.70
CA MET A 125 -1.78 -6.91 18.85
C MET A 125 -3.03 -7.30 18.09
N LEU A 126 -4.11 -6.52 18.25
CA LEU A 126 -5.34 -6.81 17.53
C LEU A 126 -5.06 -6.94 16.04
N SER A 127 -4.38 -5.94 15.47
CA SER A 127 -4.07 -6.01 14.05
C SER A 127 -3.38 -7.32 13.72
N ASN A 128 -2.33 -7.66 14.48
CA ASN A 128 -1.60 -8.89 14.22
C ASN A 128 -2.57 -10.06 14.17
N ALA A 129 -3.42 -10.18 15.19
CA ALA A 129 -4.34 -11.31 15.24
C ALA A 129 -5.15 -11.37 13.96
N LEU A 130 -5.73 -10.23 13.56
CA LEU A 130 -6.54 -10.20 12.35
C LEU A 130 -5.74 -10.74 11.16
N PHE A 131 -4.52 -10.22 10.98
CA PHE A 131 -3.71 -10.69 9.87
C PHE A 131 -3.55 -12.20 9.92
N VAL A 132 -3.22 -12.73 11.09
CA VAL A 132 -3.03 -14.17 11.22
C VAL A 132 -4.27 -14.89 10.74
N GLU A 133 -5.44 -14.44 11.22
CA GLU A 133 -6.68 -15.08 10.81
C GLU A 133 -6.79 -15.10 9.30
N ALA A 134 -6.56 -13.95 8.67
CA ALA A 134 -6.64 -13.87 7.22
C ALA A 134 -5.74 -14.92 6.59
N PHE A 135 -4.49 -14.99 7.05
CA PHE A 135 -3.55 -15.95 6.49
C PHE A 135 -4.12 -17.34 6.56
N ILE A 136 -4.66 -17.72 7.72
CA ILE A 136 -5.21 -19.06 7.88
C ILE A 136 -6.34 -19.28 6.89
N PHE A 137 -7.24 -18.30 6.77
CA PHE A 137 -8.38 -18.46 5.89
C PHE A 137 -7.96 -18.44 4.42
N TYR A 138 -6.72 -18.04 4.13
CA TYR A 138 -6.26 -18.12 2.75
C TYR A 138 -5.86 -19.52 2.36
N ASN A 139 -5.66 -20.42 3.33
CA ASN A 139 -5.24 -21.78 3.05
C ASN A 139 -6.14 -22.84 3.67
N HIS A 140 -7.16 -22.44 4.44
CA HIS A 140 -8.03 -23.41 5.10
C HIS A 140 -8.77 -24.26 4.07
N THR A 141 -9.25 -23.64 3.00
CA THR A 141 -9.99 -24.34 1.97
C THR A 141 -9.03 -24.81 0.87
N HIS A 142 -9.06 -26.10 0.59
CA HIS A 142 -8.23 -26.69 -0.47
C HIS A 142 -9.06 -27.16 -1.65
N GLY A 143 -10.03 -28.03 -1.41
CA GLY A 143 -10.93 -28.52 -2.43
C GLY A 143 -12.20 -27.70 -2.51
N ARG A 144 -13.34 -28.40 -2.46
CA ARG A 144 -14.65 -27.77 -2.35
C ARG A 144 -15.03 -27.07 -3.66
N GLU A 145 -16.19 -26.44 -3.69
CA GLU A 145 -16.72 -25.88 -4.92
C GLU A 145 -16.42 -24.38 -5.02
N MET A 146 -16.72 -23.83 -6.21
CA MET A 146 -16.40 -22.44 -6.48
C MET A 146 -17.16 -21.48 -5.58
N LEU A 147 -18.41 -21.81 -5.23
CA LEU A 147 -19.19 -20.94 -4.36
C LEU A 147 -18.55 -20.81 -2.98
N ASP A 148 -18.16 -21.94 -2.38
CA ASP A 148 -17.52 -21.90 -1.07
C ASP A 148 -16.19 -21.16 -1.14
N ILE A 149 -15.43 -21.39 -2.22
CA ILE A 149 -14.15 -20.71 -2.37
C ILE A 149 -14.35 -19.21 -2.46
N PHE A 150 -15.34 -18.77 -3.24
CA PHE A 150 -15.61 -17.35 -3.38
C PHE A 150 -16.05 -16.72 -2.07
N VAL A 151 -16.91 -17.42 -1.32
CA VAL A 151 -17.36 -16.88 -0.04
C VAL A 151 -16.20 -16.76 0.95
N HIS A 152 -15.34 -17.78 1.01
CA HIS A 152 -14.20 -17.71 1.90
C HIS A 152 -13.22 -16.61 1.46
N GLN A 153 -13.08 -16.39 0.16
CA GLN A 153 -12.23 -15.30 -0.32
C GLN A 153 -12.81 -13.95 0.08
N LEU A 154 -14.14 -13.79 0.03
CA LEU A 154 -14.74 -12.56 0.53
C LEU A 154 -14.47 -12.37 2.02
N LEU A 155 -14.57 -13.44 2.80
CA LEU A 155 -14.25 -13.35 4.22
C LEU A 155 -12.80 -12.94 4.43
N VAL A 156 -11.89 -13.50 3.63
CA VAL A 156 -10.48 -13.13 3.72
C VAL A 156 -10.30 -11.65 3.41
N LEU A 157 -10.99 -11.16 2.39
CA LEU A 157 -10.89 -9.74 2.04
C LEU A 157 -11.37 -8.86 3.19
N VAL A 158 -12.49 -9.23 3.82
CA VAL A 158 -13.01 -8.45 4.93
C VAL A 158 -12.00 -8.44 6.09
N VAL A 159 -11.44 -9.60 6.42
CA VAL A 159 -10.49 -9.67 7.52
C VAL A 159 -9.25 -8.84 7.21
N PHE A 160 -8.75 -8.90 5.97
CA PHE A 160 -7.58 -8.13 5.60
C PHE A 160 -7.83 -6.64 5.69
N LEU A 161 -9.00 -6.18 5.21
CA LEU A 161 -9.34 -4.77 5.32
C LEU A 161 -9.45 -4.33 6.77
N THR A 162 -10.07 -5.16 7.62
CA THR A 162 -10.15 -4.81 9.04
C THR A 162 -8.77 -4.72 9.68
N GLY A 163 -7.87 -5.65 9.33
CA GLY A 163 -6.52 -5.56 9.85
C GLY A 163 -5.78 -4.31 9.41
N LEU A 164 -5.93 -3.94 8.13
CA LEU A 164 -5.30 -2.71 7.66
C LEU A 164 -5.84 -1.50 8.39
N VAL A 165 -7.17 -1.44 8.59
CA VAL A 165 -7.76 -0.31 9.30
C VAL A 165 -7.25 -0.26 10.74
N ALA A 166 -7.13 -1.42 11.40
CA ALA A 166 -6.62 -1.46 12.76
C ALA A 166 -5.18 -0.98 12.82
N PHE A 167 -4.35 -1.39 11.87
CA PHE A 167 -2.96 -0.94 11.85
C PHE A 167 -2.88 0.56 11.64
N LEU A 168 -3.69 1.10 10.71
CA LEU A 168 -3.69 2.54 10.49
C LEU A 168 -4.17 3.30 11.72
N GLU A 169 -5.17 2.76 12.42
CA GLU A 169 -5.60 3.37 13.68
C GLU A 169 -4.50 3.36 14.72
N PHE A 170 -3.72 2.27 14.76
CA PHE A 170 -2.57 2.23 15.67
C PHE A 170 -1.56 3.32 15.31
N LEU A 171 -1.33 3.53 14.02
CA LEU A 171 -0.37 4.55 13.59
C LEU A 171 -0.85 5.96 13.95
N VAL A 172 -2.14 6.25 13.78
CA VAL A 172 -2.66 7.60 14.01
C VAL A 172 -3.50 7.61 15.28
N ARG A 173 -3.02 8.34 16.30
CA ARG A 173 -3.66 8.31 17.60
C ARG A 173 -5.01 9.01 17.57
N ASN A 174 -5.99 8.39 18.23
CA ASN A 174 -7.27 9.02 18.58
C ASN A 174 -8.01 9.53 17.33
N ASN A 175 -8.46 8.58 16.53
CA ASN A 175 -9.28 8.88 15.36
C ASN A 175 -10.64 8.20 15.55
N VAL A 176 -11.66 9.00 15.87
CA VAL A 176 -12.99 8.47 16.15
C VAL A 176 -13.57 7.82 14.90
N LEU A 177 -13.38 8.46 13.75
CA LEU A 177 -13.90 7.90 12.50
C LEU A 177 -13.27 6.55 12.19
N LEU A 178 -11.96 6.42 12.43
CA LEU A 178 -11.30 5.13 12.21
C LEU A 178 -11.85 4.07 13.15
N GLU A 179 -12.10 4.43 14.41
CA GLU A 179 -12.67 3.46 15.34
C GLU A 179 -14.06 3.03 14.91
N LEU A 180 -14.89 3.97 14.45
CA LEU A 180 -16.22 3.62 13.96
C LEU A 180 -16.13 2.73 12.72
N LEU A 181 -15.18 3.01 11.83
CA LEU A 181 -14.99 2.17 10.65
C LEU A 181 -14.58 0.76 11.04
N ARG A 182 -13.68 0.64 12.03
CA ARG A 182 -13.29 -0.69 12.51
C ARG A 182 -14.46 -1.43 13.11
N SER A 183 -15.29 -0.75 13.90
CA SER A 183 -16.48 -1.39 14.47
C SER A 183 -17.44 -1.85 13.39
N SER A 184 -17.65 -1.02 12.36
CA SER A 184 -18.52 -1.40 11.26
C SER A 184 -17.97 -2.61 10.52
N LEU A 185 -16.65 -2.66 10.32
CA LEU A 185 -16.05 -3.82 9.68
C LEU A 185 -16.22 -5.09 10.52
N ILE A 186 -16.09 -4.98 11.84
CA ILE A 186 -16.30 -6.14 12.70
C ILE A 186 -17.74 -6.63 12.59
N LEU A 187 -18.70 -5.69 12.61
CA LEU A 187 -20.10 -6.07 12.45
C LEU A 187 -20.36 -6.74 11.10
N LEU A 188 -19.73 -6.21 10.04
CA LEU A 188 -19.85 -6.82 8.73
C LEU A 188 -19.28 -8.24 8.73
N GLN A 189 -18.15 -8.45 9.39
CA GLN A 189 -17.56 -9.78 9.47
C GLN A 189 -18.51 -10.74 10.18
N GLY A 190 -19.14 -10.29 11.27
CA GLY A 190 -20.09 -11.15 11.96
C GLY A 190 -21.30 -11.49 11.11
N SER A 191 -21.86 -10.48 10.44
CA SER A 191 -23.01 -10.73 9.58
C SER A 191 -22.66 -11.68 8.44
N TRP A 192 -21.46 -11.53 7.89
CA TRP A 192 -21.05 -12.43 6.80
C TRP A 192 -20.80 -13.84 7.32
N PHE A 193 -20.32 -13.98 8.55
CA PHE A 193 -20.21 -15.31 9.14
C PHE A 193 -21.58 -15.97 9.25
N PHE A 194 -22.58 -15.20 9.69
CA PHE A 194 -23.94 -15.73 9.75
C PHE A 194 -24.44 -16.10 8.36
N GLN A 195 -24.14 -15.28 7.36
CA GLN A 195 -24.53 -15.60 5.98
C GLN A 195 -23.87 -16.89 5.50
N ILE A 196 -22.58 -17.07 5.82
CA ILE A 196 -21.87 -18.29 5.46
C ILE A 196 -22.57 -19.49 6.08
N GLY A 197 -22.91 -19.38 7.35
CA GLY A 197 -23.61 -20.47 8.01
C GLY A 197 -24.93 -20.80 7.35
N PHE A 198 -25.73 -19.76 7.09
CA PHE A 198 -27.05 -19.96 6.49
C PHE A 198 -26.97 -20.53 5.08
N VAL A 199 -25.93 -20.22 4.32
CA VAL A 199 -25.79 -20.69 2.94
C VAL A 199 -25.22 -22.10 2.89
N LEU A 200 -24.14 -22.36 3.63
CA LEU A 200 -23.47 -23.66 3.54
C LEU A 200 -24.30 -24.75 4.22
N TYR A 201 -24.83 -24.47 5.41
CA TYR A 201 -25.56 -25.46 6.20
C TYR A 201 -26.92 -24.86 6.57
N PRO A 202 -27.90 -24.94 5.67
CA PRO A 202 -29.22 -24.38 5.96
C PRO A 202 -29.85 -25.04 7.17
N PRO A 203 -30.53 -24.27 8.02
CA PRO A 203 -31.19 -24.87 9.19
C PRO A 203 -32.42 -25.67 8.81
N SER A 204 -32.89 -25.49 7.57
CA SER A 204 -34.08 -26.20 7.12
C SER A 204 -33.84 -27.69 6.90
N GLY A 205 -32.58 -28.12 6.91
CA GLY A 205 -32.24 -29.53 6.72
C GLY A 205 -31.93 -29.92 5.29
N GLY A 206 -32.67 -29.35 4.34
CA GLY A 206 -32.46 -29.64 2.94
C GLY A 206 -31.64 -28.56 2.24
N PRO A 207 -30.77 -28.97 1.33
CA PRO A 207 -29.99 -27.98 0.57
C PRO A 207 -30.88 -27.06 -0.24
N ALA A 208 -30.48 -25.81 -0.33
CA ALA A 208 -31.24 -24.79 -1.05
C ALA A 208 -30.45 -24.10 -2.16
N TRP A 209 -29.16 -23.84 -1.94
CA TRP A 209 -28.33 -23.12 -2.90
C TRP A 209 -27.37 -24.11 -3.55
N ASP A 210 -27.39 -24.15 -4.88
CA ASP A 210 -26.42 -24.96 -5.62
C ASP A 210 -25.02 -24.39 -5.46
N LEU A 211 -24.04 -25.29 -5.44
CA LEU A 211 -22.65 -24.88 -5.22
C LEU A 211 -21.97 -24.38 -6.48
N MET A 212 -22.62 -24.45 -7.64
CA MET A 212 -22.05 -24.00 -8.91
C MET A 212 -23.09 -23.14 -9.63
N ASP A 213 -23.06 -21.83 -9.39
CA ASP A 213 -23.98 -20.93 -10.06
C ASP A 213 -23.41 -19.51 -10.03
N HIS A 214 -23.09 -18.98 -11.22
CA HIS A 214 -22.65 -17.60 -11.31
C HIS A 214 -23.75 -16.63 -10.91
N GLU A 215 -25.01 -17.01 -11.08
CA GLU A 215 -26.11 -16.20 -10.57
C GLU A 215 -26.03 -16.11 -9.05
N ASN A 216 -25.70 -17.22 -8.39
CA ASN A 216 -25.52 -17.20 -6.95
C ASN A 216 -24.37 -16.29 -6.56
N ILE A 217 -23.27 -16.30 -7.33
CA ILE A 217 -22.14 -15.43 -7.03
C ILE A 217 -22.55 -13.96 -7.15
N LEU A 218 -23.30 -13.64 -8.22
CA LEU A 218 -23.75 -12.27 -8.41
C LEU A 218 -24.70 -11.84 -7.29
N PHE A 219 -25.59 -12.73 -6.86
CA PHE A 219 -26.48 -12.40 -5.75
C PHE A 219 -25.70 -12.22 -4.45
N LEU A 220 -24.66 -13.05 -4.24
CA LEU A 220 -23.88 -12.94 -3.01
C LEU A 220 -23.10 -11.64 -2.96
N THR A 221 -22.63 -11.14 -4.10
CA THR A 221 -21.96 -9.84 -4.10
C THR A 221 -22.90 -8.74 -3.63
N ILE A 222 -24.12 -8.73 -4.15
CA ILE A 222 -25.10 -7.72 -3.76
C ILE A 222 -25.48 -7.90 -2.29
N CYS A 223 -25.59 -9.14 -1.84
CA CYS A 223 -25.89 -9.40 -0.43
C CYS A 223 -24.78 -8.87 0.48
N PHE A 224 -23.53 -9.03 0.07
CA PHE A 224 -22.41 -8.49 0.83
C PHE A 224 -22.47 -6.97 0.90
N CYS A 225 -22.77 -6.33 -0.23
CA CYS A 225 -22.92 -4.88 -0.23
C CYS A 225 -24.06 -4.44 0.68
N TRP A 226 -25.18 -5.16 0.65
CA TRP A 226 -26.31 -4.83 1.52
C TRP A 226 -25.93 -5.01 2.99
N HIS A 227 -25.16 -6.05 3.31
CA HIS A 227 -24.71 -6.24 4.68
C HIS A 227 -23.84 -5.08 5.13
N TYR A 228 -22.95 -4.61 4.26
CA TYR A 228 -22.11 -3.46 4.62
C TYR A 228 -22.98 -2.22 4.86
N ALA A 229 -23.96 -1.99 3.99
CA ALA A 229 -24.85 -0.85 4.17
C ALA A 229 -25.63 -0.96 5.48
N VAL A 230 -26.12 -2.15 5.80
CA VAL A 230 -26.86 -2.37 7.04
C VAL A 230 -25.97 -2.11 8.25
N THR A 231 -24.71 -2.55 8.20
CA THR A 231 -23.80 -2.26 9.31
C THR A 231 -23.57 -0.76 9.48
N ILE A 232 -23.40 -0.04 8.37
CA ILE A 232 -23.24 1.42 8.47
C ILE A 232 -24.47 2.05 9.11
N VAL A 233 -25.66 1.62 8.67
CA VAL A 233 -26.90 2.16 9.24
C VAL A 233 -27.00 1.83 10.73
N ILE A 234 -26.59 0.62 11.13
CA ILE A 234 -26.63 0.24 12.53
C ILE A 234 -25.69 1.12 13.36
N VAL A 235 -24.50 1.40 12.83
CA VAL A 235 -23.57 2.27 13.54
C VAL A 235 -24.17 3.67 13.70
N GLY A 236 -24.78 4.19 12.64
CA GLY A 236 -25.42 5.50 12.74
C GLY A 236 -26.55 5.52 13.76
N MET A 237 -27.39 4.48 13.76
CA MET A 237 -28.47 4.40 14.73
C MET A 237 -27.95 4.30 16.16
N ASN A 238 -26.86 3.54 16.37
CA ASN A 238 -26.28 3.45 17.70
C ASN A 238 -25.73 4.80 18.15
N TYR A 239 -25.09 5.53 17.24
CA TYR A 239 -24.61 6.87 17.59
C TYR A 239 -25.76 7.78 17.97
N ALA A 240 -26.85 7.74 17.20
CA ALA A 240 -28.02 8.57 17.51
C ALA A 240 -28.61 8.20 18.86
N PHE A 241 -28.72 6.89 19.13
CA PHE A 241 -29.29 6.44 20.39
C PHE A 241 -28.43 6.86 21.58
N ILE A 242 -27.12 6.76 21.46
CA ILE A 242 -26.24 7.18 22.55
C ILE A 242 -26.33 8.68 22.75
N THR A 243 -26.40 9.45 21.67
CA THR A 243 -26.57 10.90 21.81
C THR A 243 -27.88 11.22 22.52
N TRP A 244 -28.96 10.52 22.16
CA TRP A 244 -30.25 10.73 22.82
C TRP A 244 -30.16 10.40 24.31
N LEU A 245 -29.50 9.29 24.64
CA LEU A 245 -29.38 8.89 26.04
C LEU A 245 -28.57 9.92 26.83
N VAL A 246 -27.47 10.41 26.26
CA VAL A 246 -26.67 11.41 26.94
C VAL A 246 -27.47 12.70 27.14
N LYS A 247 -28.23 13.11 26.12
CA LYS A 247 -29.05 14.32 26.26
C LYS A 247 -30.11 14.15 27.33
N SER A 248 -30.74 12.98 27.39
CA SER A 248 -31.75 12.72 28.42
C SER A 248 -31.13 12.72 29.80
N ARG A 249 -29.94 12.12 29.95
CA ARG A 249 -29.27 12.09 31.25
C ARG A 249 -28.88 13.48 31.69
N LEU A 250 -28.39 14.31 30.77
CA LEU A 250 -27.98 15.67 31.10
C LEU A 250 -29.19 16.55 31.41
N ASN B 2 24.03 -28.91 2.53
CA ASN B 2 23.11 -27.80 2.30
C ASN B 2 22.36 -27.46 3.58
N PHE B 3 22.23 -28.44 4.47
CA PHE B 3 21.57 -28.20 5.74
C PHE B 3 22.31 -27.15 6.56
N ARG B 4 23.64 -27.24 6.58
CA ARG B 4 24.45 -26.21 7.25
C ARG B 4 24.29 -24.86 6.56
N GLY B 5 24.23 -24.86 5.23
CA GLY B 5 24.04 -23.62 4.49
C GLY B 5 22.72 -22.96 4.79
N HIS B 6 21.68 -23.74 5.07
CA HIS B 6 20.42 -23.17 5.52
C HIS B 6 20.46 -22.75 7.00
N ALA B 7 21.18 -23.51 7.83
CA ALA B 7 21.13 -23.29 9.27
C ALA B 7 21.94 -22.07 9.69
N LEU B 8 23.08 -21.82 9.05
CA LEU B 8 23.93 -20.70 9.45
C LEU B 8 23.21 -19.36 9.38
N PRO B 9 22.52 -19.00 8.29
CA PRO B 9 21.76 -17.74 8.31
C PRO B 9 20.71 -17.69 9.40
N GLY B 10 20.13 -18.85 9.77
CA GLY B 10 19.18 -18.86 10.86
C GLY B 10 19.81 -18.40 12.17
N THR B 11 20.99 -18.93 12.48
CA THR B 11 21.71 -18.50 13.68
C THR B 11 22.07 -17.02 13.59
N PHE B 12 22.54 -16.57 12.43
CA PHE B 12 22.89 -15.16 12.29
C PHE B 12 21.69 -14.26 12.54
N PHE B 13 20.55 -14.58 11.94
CA PHE B 13 19.36 -13.76 12.12
C PHE B 13 18.85 -13.82 13.55
N PHE B 14 18.93 -15.00 14.18
CA PHE B 14 18.50 -15.11 15.58
C PHE B 14 19.34 -14.20 16.48
N ILE B 15 20.66 -14.25 16.29
CA ILE B 15 21.56 -13.41 17.10
C ILE B 15 21.28 -11.93 16.84
N ILE B 16 21.12 -11.56 15.57
CA ILE B 16 20.88 -10.15 15.25
C ILE B 16 19.57 -9.67 15.84
N GLY B 17 18.51 -10.48 15.74
CA GLY B 17 17.23 -10.09 16.32
C GLY B 17 17.29 -9.94 17.83
N LEU B 18 17.95 -10.88 18.51
CA LEU B 18 18.10 -10.77 19.96
C LEU B 18 18.86 -9.51 20.33
N TRP B 19 19.95 -9.22 19.62
CA TRP B 19 20.75 -8.03 19.93
C TRP B 19 19.94 -6.76 19.70
N TRP B 20 19.21 -6.69 18.60
CA TRP B 20 18.41 -5.50 18.31
C TRP B 20 17.29 -5.30 19.32
N CYS B 21 16.62 -6.39 19.72
CA CYS B 21 15.59 -6.27 20.73
C CYS B 21 16.15 -5.79 22.06
N THR B 22 17.29 -6.36 22.47
CA THR B 22 17.93 -5.93 23.71
C THR B 22 18.33 -4.46 23.64
N LYS B 23 18.89 -4.04 22.50
CA LYS B 23 19.29 -2.65 22.34
C LYS B 23 18.09 -1.71 22.43
N SER B 24 16.99 -2.06 21.77
CA SER B 24 15.80 -1.21 21.81
C SER B 24 15.24 -1.10 23.22
N ILE B 25 15.13 -2.23 23.92
CA ILE B 25 14.60 -2.19 25.29
C ILE B 25 15.51 -1.37 26.20
N LEU B 26 16.83 -1.55 26.06
CA LEU B 26 17.76 -0.80 26.88
C LEU B 26 17.68 0.69 26.58
N LYS B 27 17.52 1.06 25.32
CA LYS B 27 17.38 2.47 24.97
C LYS B 27 16.11 3.07 25.56
N TYR B 28 15.00 2.33 25.50
CA TYR B 28 13.77 2.82 26.10
C TYR B 28 13.92 2.97 27.61
N ILE B 29 14.58 2.02 28.26
CA ILE B 29 14.80 2.10 29.70
C ILE B 29 15.69 3.30 30.04
N CYS B 30 16.72 3.54 29.23
CA CYS B 30 17.58 4.70 29.44
C CYS B 30 16.80 6.00 29.28
N LYS B 31 15.91 6.06 28.30
CA LYS B 31 15.05 7.24 28.15
C LYS B 31 14.16 7.42 29.38
N LYS B 32 13.61 6.34 29.91
CA LYS B 32 12.81 6.44 31.13
C LYS B 32 13.68 6.74 32.35
N GLN B 33 14.99 6.47 32.26
CA GLN B 33 15.87 6.65 33.40
C GLN B 33 16.03 8.12 33.73
N LYS B 34 16.24 8.41 35.02
CA LYS B 34 16.32 9.79 35.47
C LYS B 34 17.66 10.42 35.08
N ARG B 35 18.75 9.67 35.18
CA ARG B 35 20.06 10.25 34.97
C ARG B 35 20.98 9.20 34.35
N THR B 36 22.29 9.47 34.37
CA THR B 36 23.27 8.61 33.73
C THR B 36 23.82 7.56 34.68
N CYS B 37 23.01 7.19 35.69
CA CYS B 37 23.46 6.27 36.74
C CYS B 37 23.92 4.94 36.17
N TYR B 38 23.16 4.36 35.23
CA TYR B 38 23.50 3.04 34.73
C TYR B 38 23.65 3.00 33.21
N LEU B 39 22.81 3.76 32.49
CA LEU B 39 22.77 3.66 31.04
C LEU B 39 22.79 5.01 30.33
N GLY B 40 22.87 6.12 31.07
CA GLY B 40 22.78 7.43 30.45
C GLY B 40 23.97 7.77 29.57
N SER B 41 25.11 7.11 29.80
CA SER B 41 26.30 7.39 29.01
C SER B 41 26.06 7.07 27.54
N LYS B 42 26.48 7.99 26.66
CA LYS B 42 26.29 7.81 25.22
C LYS B 42 27.50 7.19 24.54
N THR B 43 28.68 7.26 25.16
CA THR B 43 29.85 6.60 24.61
C THR B 43 29.65 5.10 24.53
N LEU B 44 28.95 4.52 25.51
CA LEU B 44 28.63 3.10 25.47
C LEU B 44 27.78 2.77 24.26
N PHE B 45 26.78 3.61 23.96
CA PHE B 45 25.95 3.38 22.78
C PHE B 45 26.76 3.48 21.50
N TYR B 46 27.68 4.45 21.42
CA TYR B 46 28.51 4.59 20.23
C TYR B 46 29.40 3.36 20.05
N ARG B 47 30.02 2.90 21.13
CA ARG B 47 30.85 1.70 21.05
C ARG B 47 30.03 0.48 20.64
N LEU B 48 28.83 0.35 21.19
CA LEU B 48 27.97 -0.78 20.82
C LEU B 48 27.59 -0.72 19.35
N GLU B 49 27.29 0.47 18.83
CA GLU B 49 26.97 0.60 17.41
C GLU B 49 28.15 0.24 16.53
N ILE B 50 29.35 0.70 16.90
CA ILE B 50 30.54 0.36 16.13
C ILE B 50 30.77 -1.14 16.13
N LEU B 51 30.64 -1.77 17.30
CA LEU B 51 30.81 -3.22 17.39
C LEU B 51 29.76 -3.95 16.58
N GLU B 52 28.51 -3.46 16.60
CA GLU B 52 27.46 -4.08 15.81
C GLU B 52 27.77 -4.01 14.32
N GLY B 53 28.20 -2.85 13.84
CA GLY B 53 28.58 -2.73 12.44
C GLY B 53 29.73 -3.64 12.06
N ILE B 54 30.76 -3.70 12.91
CA ILE B 54 31.91 -4.55 12.63
C ILE B 54 31.49 -6.01 12.59
N THR B 55 30.67 -6.44 13.53
CA THR B 55 30.21 -7.82 13.56
C THR B 55 29.33 -8.14 12.35
N ILE B 56 28.47 -7.22 11.92
CA ILE B 56 27.66 -7.46 10.75
C ILE B 56 28.54 -7.62 9.51
N VAL B 57 29.54 -6.74 9.36
CA VAL B 57 30.44 -6.85 8.21
C VAL B 57 31.20 -8.16 8.25
N GLY B 58 31.69 -8.55 9.43
CA GLY B 58 32.43 -9.79 9.55
C GLY B 58 31.58 -11.01 9.23
N MET B 59 30.34 -11.04 9.73
CA MET B 59 29.45 -12.15 9.43
C MET B 59 29.12 -12.20 7.95
N ALA B 60 28.90 -11.05 7.32
CA ALA B 60 28.65 -11.04 5.88
C ALA B 60 29.83 -11.59 5.11
N LEU B 61 31.04 -11.17 5.47
CA LEU B 61 32.24 -11.67 4.80
C LEU B 61 32.40 -13.17 5.01
N THR B 62 32.16 -13.65 6.24
CA THR B 62 32.29 -15.07 6.53
C THR B 62 31.28 -15.88 5.73
N GLY B 63 30.03 -15.42 5.67
CA GLY B 63 29.03 -16.12 4.89
C GLY B 63 29.36 -16.13 3.41
N MET B 64 29.86 -15.01 2.88
CA MET B 64 30.25 -14.95 1.49
C MET B 64 31.37 -15.94 1.19
N ALA B 65 32.41 -15.95 2.03
CA ALA B 65 33.53 -16.86 1.82
C ALA B 65 33.11 -18.31 1.94
N GLY B 66 32.26 -18.63 2.92
CA GLY B 66 31.81 -20.00 3.08
C GLY B 66 30.93 -20.45 1.93
N GLU B 67 30.03 -19.58 1.46
CA GLU B 67 29.14 -19.94 0.36
C GLU B 67 29.92 -20.18 -0.92
N GLN B 68 30.90 -19.34 -1.22
CA GLN B 68 31.74 -19.53 -2.40
C GLN B 68 32.75 -20.65 -2.09
N PHE B 69 32.51 -21.82 -2.66
CA PHE B 69 33.41 -22.95 -2.49
C PHE B 69 34.79 -22.61 -3.04
N ILE B 70 34.81 -21.99 -4.21
CA ILE B 70 36.07 -21.50 -4.78
C ILE B 70 36.45 -20.19 -4.09
N PRO B 71 37.66 -20.09 -3.52
CA PRO B 71 38.13 -18.90 -2.81
C PRO B 71 38.13 -17.66 -3.71
N GLY B 84 32.56 -17.65 -20.74
CA GLY B 84 31.40 -17.43 -21.59
C GLY B 84 30.29 -18.43 -21.32
N HIS B 85 30.29 -19.01 -20.13
CA HIS B 85 29.28 -19.99 -19.73
C HIS B 85 28.90 -19.69 -18.29
N TRP B 86 27.93 -20.43 -17.77
CA TRP B 86 27.45 -20.25 -16.40
C TRP B 86 27.52 -21.57 -15.66
N ASN B 87 28.08 -21.54 -14.45
CA ASN B 87 28.14 -22.71 -13.59
C ASN B 87 27.90 -22.27 -12.14
N GLN B 88 27.38 -23.20 -11.35
CA GLN B 88 26.97 -22.98 -9.96
C GLN B 88 26.35 -21.60 -9.77
N LEU B 89 25.39 -21.26 -10.65
CA LEU B 89 24.82 -19.92 -10.65
C LEU B 89 23.99 -19.65 -9.40
N LEU B 90 23.56 -20.71 -8.70
CA LEU B 90 22.71 -20.52 -7.52
C LEU B 90 23.46 -19.84 -6.39
N GLY B 91 24.77 -20.08 -6.27
CA GLY B 91 25.53 -19.47 -5.18
C GLY B 91 25.71 -17.98 -5.33
N TRP B 92 25.62 -17.47 -6.57
CA TRP B 92 25.78 -16.03 -6.77
C TRP B 92 24.65 -15.25 -6.12
N HIS B 93 23.48 -15.85 -5.97
CA HIS B 93 22.39 -15.19 -5.26
C HIS B 93 22.74 -14.96 -3.79
N HIS B 94 23.25 -16.00 -3.13
CA HIS B 94 23.70 -15.84 -1.75
C HIS B 94 24.85 -14.85 -1.67
N PHE B 95 25.74 -14.88 -2.67
CA PHE B 95 26.84 -13.91 -2.73
C PHE B 95 26.29 -12.49 -2.75
N THR B 96 25.30 -12.24 -3.59
CA THR B 96 24.71 -10.91 -3.70
C THR B 96 24.02 -10.49 -2.40
N MET B 97 23.28 -11.42 -1.77
CA MET B 97 22.63 -11.09 -0.51
C MET B 97 23.64 -10.72 0.56
N TYR B 98 24.72 -11.50 0.67
CA TYR B 98 25.76 -11.20 1.64
C TYR B 98 26.44 -9.88 1.33
N PHE B 99 26.63 -9.58 0.05
CA PHE B 99 27.22 -8.31 -0.35
C PHE B 99 26.34 -7.13 0.07
N PHE B 100 25.02 -7.28 -0.11
CA PHE B 100 24.11 -6.22 0.30
C PHE B 100 24.11 -6.03 1.81
N PHE B 101 24.14 -7.13 2.56
CA PHE B 101 24.22 -6.98 4.02
C PHE B 101 25.53 -6.34 4.45
N GLY B 102 26.63 -6.68 3.79
CA GLY B 102 27.89 -6.01 4.06
C GLY B 102 27.86 -4.52 3.74
N LEU B 103 27.17 -4.16 2.64
CA LEU B 103 26.98 -2.74 2.34
C LEU B 103 26.18 -2.05 3.42
N LEU B 104 25.15 -2.71 3.94
CA LEU B 104 24.40 -2.15 5.06
C LEU B 104 25.29 -1.92 6.27
N GLY B 105 26.14 -2.90 6.59
CA GLY B 105 27.04 -2.74 7.72
C GLY B 105 28.03 -1.59 7.52
N VAL B 106 28.59 -1.48 6.31
CA VAL B 106 29.53 -0.40 6.01
C VAL B 106 28.83 0.95 6.11
N ALA B 107 27.60 1.03 5.61
CA ALA B 107 26.83 2.27 5.71
C ALA B 107 26.57 2.65 7.15
N ASP B 108 26.23 1.67 7.99
CA ASP B 108 26.03 1.95 9.41
C ASP B 108 27.30 2.45 10.06
N ILE B 109 28.44 1.83 9.73
CA ILE B 109 29.72 2.27 10.29
C ILE B 109 30.02 3.70 9.87
N LEU B 110 29.82 4.01 8.59
CA LEU B 110 30.08 5.37 8.11
C LEU B 110 29.16 6.38 8.77
N CYS B 111 27.87 6.03 8.92
CA CYS B 111 26.92 6.95 9.54
C CYS B 111 27.28 7.22 10.99
N PHE B 112 27.69 6.20 11.73
CA PHE B 112 28.07 6.42 13.12
C PHE B 112 29.48 6.96 13.27
N THR B 113 30.26 7.01 12.19
CA THR B 113 31.59 7.61 12.21
C THR B 113 31.59 9.09 11.87
N ILE B 114 30.82 9.49 10.86
CA ILE B 114 30.73 10.89 10.44
C ILE B 114 29.37 11.43 10.88
N SER B 115 29.39 12.55 11.60
CA SER B 115 28.16 13.10 12.16
C SER B 115 27.27 13.76 11.12
N SER B 116 27.82 14.11 9.95
CA SER B 116 27.03 14.81 8.94
C SER B 116 25.90 13.94 8.41
N LEU B 117 26.16 12.65 8.21
CA LEU B 117 25.16 11.76 7.64
C LEU B 117 24.01 11.56 8.62
N PRO B 118 22.77 11.53 8.13
CA PRO B 118 21.63 11.27 9.01
C PRO B 118 21.67 9.87 9.58
N VAL B 119 21.10 9.72 10.79
CA VAL B 119 21.12 8.44 11.47
C VAL B 119 20.19 7.45 10.77
N SER B 120 19.02 7.90 10.31
CA SER B 120 18.02 7.01 9.74
C SER B 120 18.49 6.36 8.45
N LEU B 121 19.53 6.90 7.81
CA LEU B 121 20.03 6.32 6.56
C LEU B 121 20.29 4.83 6.71
N THR B 122 20.94 4.44 7.81
CA THR B 122 21.20 3.03 8.07
C THR B 122 19.91 2.22 7.96
N LYS B 123 18.86 2.66 8.66
CA LYS B 123 17.58 1.98 8.59
C LYS B 123 17.15 1.81 7.15
N LEU B 124 17.20 2.90 6.38
CA LEU B 124 16.83 2.84 4.98
C LEU B 124 17.60 1.73 4.28
N MET B 125 18.92 1.73 4.44
CA MET B 125 19.74 0.70 3.81
C MET B 125 19.24 -0.68 4.18
N LEU B 126 18.98 -0.91 5.47
CA LEU B 126 18.47 -2.20 5.91
C LEU B 126 17.24 -2.58 5.09
N SER B 127 16.28 -1.67 5.02
CA SER B 127 15.07 -1.96 4.25
C SER B 127 15.43 -2.39 2.85
N ASN B 128 16.28 -1.60 2.18
CA ASN B 128 16.67 -1.94 0.81
C ASN B 128 17.19 -3.36 0.74
N ALA B 129 18.12 -3.70 1.64
CA ALA B 129 18.69 -5.04 1.61
C ALA B 129 17.59 -6.08 1.69
N LEU B 130 16.67 -5.91 2.65
CA LEU B 130 15.60 -6.88 2.80
C LEU B 130 14.84 -7.04 1.49
N PHE B 131 14.45 -5.91 0.88
CA PHE B 131 13.72 -5.99 -0.37
C PHE B 131 14.50 -6.80 -1.40
N VAL B 132 15.80 -6.49 -1.54
CA VAL B 132 16.61 -7.21 -2.51
C VAL B 132 16.53 -8.71 -2.25
N GLU B 133 16.71 -9.10 -0.98
CA GLU B 133 16.63 -10.51 -0.64
C GLU B 133 15.33 -11.10 -1.12
N ALA B 134 14.21 -10.44 -0.81
CA ALA B 134 12.91 -10.93 -1.23
C ALA B 134 12.89 -11.15 -2.73
N PHE B 135 13.35 -10.15 -3.48
CA PHE B 135 13.35 -10.25 -4.93
C PHE B 135 14.08 -11.51 -5.37
N ILE B 136 15.27 -11.73 -4.81
CA ILE B 136 16.05 -12.89 -5.20
C ILE B 136 15.27 -14.17 -4.89
N PHE B 137 14.68 -14.24 -3.69
CA PHE B 137 13.97 -15.44 -3.31
C PHE B 137 12.69 -15.63 -4.12
N TYR B 138 12.26 -14.59 -4.85
CA TYR B 138 11.10 -14.77 -5.70
C TYR B 138 11.46 -15.49 -7.00
N ASN B 139 12.74 -15.57 -7.34
CA ASN B 139 13.17 -16.22 -8.58
C ASN B 139 14.21 -17.30 -8.37
N HIS B 140 14.67 -17.52 -7.13
CA HIS B 140 15.71 -18.52 -6.88
C HIS B 140 15.22 -19.92 -7.25
N THR B 141 13.97 -20.23 -6.91
CA THR B 141 13.40 -21.54 -7.20
C THR B 141 12.69 -21.51 -8.55
N HIS B 142 13.07 -22.43 -9.43
CA HIS B 142 12.46 -22.54 -10.75
C HIS B 142 11.65 -23.82 -10.88
N GLY B 143 12.26 -24.97 -10.65
CA GLY B 143 11.59 -26.26 -10.69
C GLY B 143 11.09 -26.68 -9.32
N ARG B 144 11.46 -27.90 -8.93
CA ARG B 144 11.22 -28.42 -7.58
C ARG B 144 9.74 -28.68 -7.36
N GLU B 145 9.38 -29.13 -6.16
CA GLU B 145 8.02 -29.57 -5.90
C GLU B 145 7.21 -28.48 -5.22
N MET B 146 5.90 -28.73 -5.09
CA MET B 146 4.98 -27.74 -4.56
C MET B 146 5.30 -27.39 -3.11
N LEU B 147 5.74 -28.37 -2.32
CA LEU B 147 6.06 -28.09 -0.92
C LEU B 147 7.21 -27.10 -0.79
N ASP B 148 8.29 -27.32 -1.54
CA ASP B 148 9.42 -26.40 -1.50
C ASP B 148 9.02 -25.02 -2.01
N ILE B 149 8.21 -24.97 -3.07
CA ILE B 149 7.76 -23.69 -3.61
C ILE B 149 6.96 -22.94 -2.56
N PHE B 150 6.04 -23.64 -1.89
CA PHE B 150 5.22 -23.00 -0.87
C PHE B 150 6.06 -22.48 0.29
N VAL B 151 7.03 -23.27 0.74
CA VAL B 151 7.87 -22.84 1.85
C VAL B 151 8.69 -21.61 1.46
N HIS B 152 9.26 -21.62 0.25
CA HIS B 152 10.02 -20.45 -0.19
C HIS B 152 9.13 -19.23 -0.36
N GLN B 153 7.88 -19.42 -0.79
CA GLN B 153 6.95 -18.30 -0.89
C GLN B 153 6.62 -17.74 0.49
N LEU B 154 6.48 -18.61 1.50
CA LEU B 154 6.29 -18.12 2.86
C LEU B 154 7.50 -17.31 3.33
N LEU B 155 8.71 -17.78 3.01
CA LEU B 155 9.91 -17.03 3.35
C LEU B 155 9.92 -15.67 2.66
N VAL B 156 9.52 -15.63 1.40
CA VAL B 156 9.43 -14.37 0.67
C VAL B 156 8.45 -13.43 1.34
N LEU B 157 7.29 -13.95 1.76
CA LEU B 157 6.31 -13.13 2.45
C LEU B 157 6.86 -12.54 3.73
N VAL B 158 7.57 -13.36 4.51
CA VAL B 158 8.16 -12.87 5.76
C VAL B 158 9.17 -11.77 5.47
N VAL B 159 10.04 -11.97 4.48
CA VAL B 159 11.05 -10.97 4.17
C VAL B 159 10.40 -9.67 3.70
N PHE B 160 9.36 -9.78 2.87
CA PHE B 160 8.68 -8.59 2.38
C PHE B 160 8.02 -7.81 3.52
N LEU B 161 7.37 -8.53 4.44
CA LEU B 161 6.76 -7.85 5.58
C LEU B 161 7.81 -7.18 6.45
N THR B 162 8.95 -7.85 6.68
CA THR B 162 10.01 -7.22 7.46
C THR B 162 10.54 -5.97 6.77
N GLY B 163 10.70 -6.01 5.45
CA GLY B 163 11.16 -4.83 4.73
C GLY B 163 10.16 -3.68 4.83
N LEU B 164 8.87 -3.97 4.71
CA LEU B 164 7.86 -2.93 4.86
C LEU B 164 7.89 -2.32 6.26
N VAL B 165 8.02 -3.16 7.28
CA VAL B 165 8.08 -2.64 8.65
C VAL B 165 9.32 -1.78 8.84
N ALA B 166 10.46 -2.19 8.27
CA ALA B 166 11.67 -1.39 8.38
C ALA B 166 11.52 -0.05 7.69
N PHE B 167 10.90 -0.04 6.50
CA PHE B 167 10.69 1.23 5.81
C PHE B 167 9.77 2.15 6.60
N LEU B 168 8.69 1.60 7.16
CA LEU B 168 7.79 2.41 7.97
C LEU B 168 8.49 2.95 9.21
N GLU B 169 9.34 2.14 9.84
CA GLU B 169 10.13 2.62 10.96
C GLU B 169 11.06 3.74 10.55
N PHE B 170 11.66 3.64 9.36
CA PHE B 170 12.48 4.74 8.85
C PHE B 170 11.65 6.00 8.69
N LEU B 171 10.42 5.88 8.18
CA LEU B 171 9.57 7.05 8.00
C LEU B 171 9.18 7.70 9.32
N VAL B 172 8.88 6.90 10.33
CA VAL B 172 8.41 7.43 11.61
C VAL B 172 9.49 7.28 12.68
N ARG B 173 10.02 8.40 13.14
CA ARG B 173 11.18 8.37 14.05
C ARG B 173 10.78 7.82 15.42
N ASN B 174 11.63 6.96 15.96
CA ASN B 174 11.61 6.57 17.37
C ASN B 174 10.27 5.94 17.75
N ASN B 175 10.01 4.76 17.20
CA ASN B 175 8.84 3.97 17.55
C ASN B 175 9.31 2.64 18.15
N VAL B 176 9.19 2.53 19.47
CA VAL B 176 9.67 1.34 20.18
C VAL B 176 8.88 0.11 19.74
N LEU B 177 7.57 0.26 19.59
CA LEU B 177 6.74 -0.87 19.16
C LEU B 177 7.14 -1.36 17.77
N LEU B 178 7.44 -0.42 16.86
CA LEU B 178 7.90 -0.83 15.53
C LEU B 178 9.22 -1.57 15.59
N GLU B 179 10.15 -1.10 16.45
CA GLU B 179 11.42 -1.80 16.59
C GLU B 179 11.23 -3.21 17.14
N LEU B 180 10.35 -3.36 18.13
CA LEU B 180 10.07 -4.68 18.67
C LEU B 180 9.43 -5.59 17.62
N LEU B 181 8.53 -5.04 16.81
CA LEU B 181 7.92 -5.81 15.73
C LEU B 181 8.96 -6.26 14.72
N ARG B 182 9.90 -5.38 14.37
CA ARG B 182 10.96 -5.75 13.44
C ARG B 182 11.84 -6.85 14.03
N SER B 183 12.17 -6.75 15.32
CA SER B 183 12.96 -7.79 15.96
C SER B 183 12.23 -9.13 15.96
N SER B 184 10.93 -9.11 16.26
CA SER B 184 10.13 -10.33 16.23
C SER B 184 10.09 -10.94 14.84
N LEU B 185 9.97 -10.09 13.81
CA LEU B 185 9.98 -10.60 12.45
C LEU B 185 11.33 -11.22 12.08
N ILE B 186 12.42 -10.62 12.54
CA ILE B 186 13.75 -11.20 12.28
C ILE B 186 13.87 -12.56 12.95
N LEU B 187 13.40 -12.67 14.20
CA LEU B 187 13.43 -13.95 14.89
C LEU B 187 12.57 -14.98 14.18
N LEU B 188 11.40 -14.57 13.68
CA LEU B 188 10.56 -15.48 12.92
C LEU B 188 11.25 -15.95 11.66
N GLN B 189 11.95 -15.04 10.97
CA GLN B 189 12.70 -15.43 9.77
C GLN B 189 13.75 -16.46 10.10
N GLY B 190 14.48 -16.27 11.21
CA GLY B 190 15.48 -17.25 11.59
C GLY B 190 14.89 -18.60 11.92
N SER B 191 13.80 -18.60 12.70
CA SER B 191 13.15 -19.86 13.05
C SER B 191 12.63 -20.57 11.81
N TRP B 192 12.09 -19.81 10.85
CA TRP B 192 11.60 -20.43 9.64
C TRP B 192 12.74 -20.96 8.77
N PHE B 193 13.89 -20.29 8.79
CA PHE B 193 15.06 -20.85 8.10
C PHE B 193 15.45 -22.19 8.71
N PHE B 194 15.44 -22.27 10.03
CA PHE B 194 15.72 -23.56 10.69
C PHE B 194 14.69 -24.61 10.30
N GLN B 195 13.41 -24.21 10.24
CA GLN B 195 12.37 -25.14 9.82
C GLN B 195 12.59 -25.63 8.39
N ILE B 196 12.98 -24.72 7.49
CA ILE B 196 13.28 -25.08 6.11
C ILE B 196 14.38 -26.12 6.09
N GLY B 197 15.45 -25.88 6.85
CA GLY B 197 16.54 -26.82 6.91
C GLY B 197 16.10 -28.19 7.39
N PHE B 198 15.36 -28.21 8.51
CA PHE B 198 14.90 -29.46 9.09
C PHE B 198 13.95 -30.24 8.19
N VAL B 199 13.15 -29.55 7.37
CA VAL B 199 12.19 -30.21 6.49
C VAL B 199 12.85 -30.69 5.20
N LEU B 200 13.63 -29.82 4.55
CA LEU B 200 14.20 -30.19 3.26
C LEU B 200 15.31 -31.22 3.41
N TYR B 201 16.21 -31.04 4.38
CA TYR B 201 17.37 -31.91 4.58
C TYR B 201 17.37 -32.39 6.02
N PRO B 202 16.60 -33.43 6.34
CA PRO B 202 16.56 -33.93 7.72
C PRO B 202 17.92 -34.39 8.19
N PRO B 203 18.28 -34.11 9.44
CA PRO B 203 19.59 -34.55 9.95
C PRO B 203 19.62 -36.05 10.20
N SER B 204 18.45 -36.69 10.19
CA SER B 204 18.38 -38.13 10.42
C SER B 204 18.92 -38.95 9.25
N GLY B 205 19.16 -38.32 8.11
CA GLY B 205 19.69 -39.00 6.94
C GLY B 205 18.63 -39.49 5.97
N GLY B 206 17.52 -39.99 6.49
CA GLY B 206 16.44 -40.48 5.65
C GLY B 206 15.33 -39.47 5.50
N PRO B 207 14.74 -39.40 4.32
CA PRO B 207 13.61 -38.49 4.10
C PRO B 207 12.44 -38.83 5.00
N ALA B 208 11.75 -37.79 5.46
CA ALA B 208 10.61 -37.94 6.36
C ALA B 208 9.33 -37.33 5.83
N TRP B 209 9.41 -36.17 5.17
CA TRP B 209 8.24 -35.46 4.68
C TRP B 209 8.17 -35.60 3.16
N ASP B 210 7.02 -36.08 2.68
CA ASP B 210 6.79 -36.15 1.24
C ASP B 210 6.68 -34.75 0.66
N LEU B 211 7.16 -34.59 -0.58
CA LEU B 211 7.17 -33.28 -1.22
C LEU B 211 5.83 -32.89 -1.84
N MET B 212 4.85 -33.80 -1.85
CA MET B 212 3.53 -33.53 -2.42
C MET B 212 2.47 -33.98 -1.43
N ASP B 213 2.04 -33.07 -0.56
CA ASP B 213 1.00 -33.39 0.41
C ASP B 213 0.34 -32.10 0.88
N HIS B 214 -0.95 -31.94 0.56
CA HIS B 214 -1.70 -30.80 1.07
C HIS B 214 -1.84 -30.85 2.58
N GLU B 215 -1.84 -32.04 3.18
CA GLU B 215 -1.80 -32.14 4.63
C GLU B 215 -0.52 -31.53 5.17
N ASN B 216 0.61 -31.77 4.49
CA ASN B 216 1.86 -31.14 4.90
C ASN B 216 1.78 -29.63 4.78
N ILE B 217 1.14 -29.12 3.73
CA ILE B 217 0.98 -27.67 3.58
C ILE B 217 0.15 -27.10 4.73
N LEU B 218 -0.95 -27.78 5.06
CA LEU B 218 -1.79 -27.32 6.17
C LEU B 218 -1.04 -27.35 7.49
N PHE B 219 -0.25 -28.40 7.73
CA PHE B 219 0.54 -28.46 8.96
C PHE B 219 1.60 -27.37 8.98
N LEU B 220 2.19 -27.06 7.82
CA LEU B 220 3.23 -26.03 7.77
C LEU B 220 2.66 -24.65 8.06
N THR B 221 1.43 -24.39 7.61
CA THR B 221 0.81 -23.11 7.94
C THR B 221 0.65 -22.94 9.45
N ILE B 222 0.18 -23.98 10.13
CA ILE B 222 0.02 -23.91 11.58
C ILE B 222 1.37 -23.81 12.26
N CYS B 223 2.37 -24.51 11.72
CA CYS B 223 3.71 -24.42 12.29
C CYS B 223 4.27 -23.00 12.17
N PHE B 224 4.02 -22.33 11.04
CA PHE B 224 4.44 -20.96 10.86
C PHE B 224 3.75 -20.03 11.86
N CYS B 225 2.44 -20.23 12.06
CA CYS B 225 1.74 -19.43 13.06
C CYS B 225 2.29 -19.67 14.46
N TRP B 226 2.60 -20.93 14.80
CA TRP B 226 3.18 -21.23 16.10
C TRP B 226 4.55 -20.59 16.26
N HIS B 227 5.36 -20.58 15.19
CA HIS B 227 6.65 -19.91 15.24
C HIS B 227 6.49 -18.42 15.51
N TYR B 228 5.52 -17.79 14.85
CA TYR B 228 5.28 -16.37 15.11
C TYR B 228 4.87 -16.13 16.56
N ALA B 229 3.99 -16.98 17.09
CA ALA B 229 3.57 -16.85 18.48
C ALA B 229 4.75 -17.04 19.43
N VAL B 230 5.61 -18.01 19.14
CA VAL B 230 6.79 -18.27 19.97
C VAL B 230 7.72 -17.08 19.95
N THR B 231 7.92 -16.46 18.78
CA THR B 231 8.75 -15.27 18.71
C THR B 231 8.18 -14.13 19.52
N ILE B 232 6.86 -13.92 19.46
CA ILE B 232 6.24 -12.87 20.28
C ILE B 232 6.46 -13.15 21.76
N VAL B 233 6.28 -14.40 22.18
CA VAL B 233 6.49 -14.76 23.57
C VAL B 233 7.94 -14.55 23.98
N ILE B 234 8.89 -14.86 23.09
CA ILE B 234 10.30 -14.67 23.39
C ILE B 234 10.60 -13.18 23.57
N VAL B 235 10.03 -12.34 22.71
CA VAL B 235 10.24 -10.90 22.85
C VAL B 235 9.68 -10.41 24.19
N GLY B 236 8.49 -10.87 24.56
CA GLY B 236 7.93 -10.48 25.85
C GLY B 236 8.79 -10.93 27.02
N MET B 237 9.28 -12.17 26.98
CA MET B 237 10.14 -12.67 28.03
C MET B 237 11.45 -11.88 28.12
N ASN B 238 12.02 -11.52 26.97
CA ASN B 238 13.23 -10.71 26.97
C ASN B 238 12.98 -9.34 27.59
N TYR B 239 11.84 -8.73 27.26
CA TYR B 239 11.50 -7.45 27.86
C TYR B 239 11.37 -7.57 29.38
N ALA B 240 10.70 -8.63 29.84
CA ALA B 240 10.54 -8.83 31.27
C ALA B 240 11.88 -9.05 31.95
N PHE B 241 12.76 -9.83 31.32
CA PHE B 241 14.07 -10.10 31.90
C PHE B 241 14.92 -8.85 31.98
N ILE B 242 14.88 -8.00 30.94
CA ILE B 242 15.65 -6.77 30.98
C ILE B 242 15.08 -5.83 32.04
N THR B 243 13.76 -5.77 32.18
CA THR B 243 13.18 -4.95 33.25
C THR B 243 13.62 -5.43 34.61
N TRP B 244 13.62 -6.76 34.81
CA TRP B 244 14.07 -7.33 36.08
C TRP B 244 15.54 -6.98 36.35
N LEU B 245 16.38 -7.09 35.32
CA LEU B 245 17.79 -6.77 35.49
C LEU B 245 18.00 -5.31 35.84
N VAL B 246 17.27 -4.41 35.17
CA VAL B 246 17.39 -2.99 35.46
C VAL B 246 16.93 -2.70 36.89
N LYS B 247 15.82 -3.32 37.31
CA LYS B 247 15.33 -3.11 38.67
C LYS B 247 16.34 -3.62 39.70
N SER B 248 16.94 -4.77 39.45
CA SER B 248 17.95 -5.30 40.37
C SER B 248 19.18 -4.41 40.42
N ARG B 249 19.62 -3.89 39.28
CA ARG B 249 20.77 -3.00 39.25
C ARG B 249 20.49 -1.70 40.00
N LEU B 250 19.29 -1.15 39.83
CA LEU B 250 18.91 0.10 40.50
C LEU B 250 18.73 -0.13 42.00
N ASN C 2 16.86 0.01 -33.67
CA ASN C 2 16.10 -0.04 -32.43
C ASN C 2 17.04 0.08 -31.23
N PHE C 3 18.29 -0.33 -31.42
CA PHE C 3 19.27 -0.23 -30.34
C PHE C 3 19.48 1.23 -29.93
N ARG C 4 19.57 2.13 -30.91
CA ARG C 4 19.66 3.55 -30.60
C ARG C 4 18.40 4.04 -29.92
N GLY C 5 17.24 3.55 -30.35
CA GLY C 5 15.99 3.95 -29.72
C GLY C 5 15.89 3.52 -28.28
N HIS C 6 16.51 2.39 -27.93
CA HIS C 6 16.59 2.00 -26.53
C HIS C 6 17.66 2.77 -25.78
N ALA C 7 18.78 3.09 -26.43
CA ALA C 7 19.93 3.67 -25.74
C ALA C 7 19.72 5.14 -25.42
N LEU C 8 19.06 5.89 -26.30
CA LEU C 8 18.88 7.33 -26.06
C LEU C 8 18.14 7.63 -24.77
N PRO C 9 17.00 6.99 -24.45
CA PRO C 9 16.39 7.24 -23.13
C PRO C 9 17.30 6.88 -21.98
N GLY C 10 18.16 5.88 -22.14
CA GLY C 10 19.12 5.56 -21.09
C GLY C 10 20.04 6.72 -20.78
N THR C 11 20.59 7.34 -21.83
CA THR C 11 21.43 8.51 -21.63
C THR C 11 20.65 9.66 -21.00
N PHE C 12 19.41 9.89 -21.48
CA PHE C 12 18.60 10.96 -20.91
C PHE C 12 18.37 10.76 -19.42
N PHE C 13 17.98 9.54 -19.04
CA PHE C 13 17.71 9.26 -17.64
C PHE C 13 18.98 9.33 -16.80
N PHE C 14 20.11 8.88 -17.34
CA PHE C 14 21.37 8.97 -16.61
C PHE C 14 21.72 10.42 -16.32
N ILE C 15 21.61 11.27 -17.34
CA ILE C 15 21.92 12.69 -17.16
C ILE C 15 20.97 13.32 -16.15
N ILE C 16 19.67 13.02 -16.26
CA ILE C 16 18.69 13.62 -15.36
C ILE C 16 18.95 13.18 -13.92
N GLY C 17 19.25 11.89 -13.72
CA GLY C 17 19.53 11.42 -12.38
C GLY C 17 20.77 12.05 -11.78
N LEU C 18 21.83 12.16 -12.58
CA LEU C 18 23.05 12.81 -12.08
C LEU C 18 22.76 14.27 -11.71
N TRP C 19 22.03 14.99 -12.57
CA TRP C 19 21.74 16.39 -12.28
C TRP C 19 20.90 16.53 -11.01
N TRP C 20 19.88 15.68 -10.85
CA TRP C 20 19.03 15.75 -9.67
C TRP C 20 19.81 15.42 -8.40
N CYS C 21 20.67 14.40 -8.45
CA CYS C 21 21.48 14.07 -7.28
C CYS C 21 22.41 15.22 -6.91
N THR C 22 23.07 15.81 -7.91
CA THR C 22 23.94 16.94 -7.64
C THR C 22 23.17 18.11 -7.05
N LYS C 23 21.99 18.39 -7.59
CA LYS C 23 21.17 19.49 -7.08
C LYS C 23 20.77 19.24 -5.63
N SER C 24 20.35 18.02 -5.30
CA SER C 24 19.93 17.72 -3.93
C SER C 24 21.09 17.86 -2.96
N ILE C 25 22.26 17.32 -3.33
CA ILE C 25 23.43 17.41 -2.44
C ILE C 25 23.83 18.86 -2.26
N LEU C 26 23.83 19.65 -3.34
CA LEU C 26 24.19 21.06 -3.24
C LEU C 26 23.20 21.82 -2.36
N LYS C 27 21.91 21.51 -2.48
CA LYS C 27 20.91 22.17 -1.64
C LYS C 27 21.11 21.84 -0.18
N TYR C 28 21.40 20.56 0.13
CA TYR C 28 21.67 20.20 1.51
C TYR C 28 22.91 20.90 2.05
N ILE C 29 23.95 20.99 1.22
CA ILE C 29 25.17 21.68 1.65
C ILE C 29 24.89 23.17 1.88
N CYS C 30 24.09 23.78 1.01
CA CYS C 30 23.72 25.18 1.20
C CYS C 30 22.93 25.38 2.48
N LYS C 31 22.03 24.45 2.80
CA LYS C 31 21.31 24.52 4.06
C LYS C 31 22.27 24.42 5.25
N LYS C 32 23.25 23.51 5.16
CA LYS C 32 24.25 23.43 6.22
C LYS C 32 25.18 24.64 6.23
N GLN C 33 25.26 25.36 5.11
CA GLN C 33 26.18 26.49 5.01
C GLN C 33 25.75 27.62 5.93
N LYS C 34 26.74 28.37 6.43
CA LYS C 34 26.46 29.45 7.37
C LYS C 34 25.83 30.65 6.68
N ARG C 35 26.32 30.99 5.49
CA ARG C 35 25.88 32.23 4.85
C ARG C 35 25.86 32.02 3.33
N THR C 36 25.76 33.12 2.59
CA THR C 36 25.65 33.08 1.14
C THR C 36 27.00 33.13 0.45
N CYS C 37 28.05 32.67 1.15
CA CYS C 37 29.42 32.76 0.66
C CYS C 37 29.59 32.07 -0.70
N TYR C 38 29.05 30.87 -0.85
CA TYR C 38 29.26 30.12 -2.08
C TYR C 38 27.96 29.69 -2.76
N LEU C 39 26.94 29.33 -1.96
CA LEU C 39 25.72 28.77 -2.52
C LEU C 39 24.44 29.38 -1.95
N GLY C 40 24.55 30.37 -1.07
CA GLY C 40 23.36 30.91 -0.42
C GLY C 40 22.44 31.66 -1.37
N SER C 41 22.99 32.15 -2.48
CA SER C 41 22.20 32.91 -3.45
C SER C 41 21.07 32.05 -4.00
N LYS C 42 19.87 32.62 -4.04
CA LYS C 42 18.69 31.90 -4.54
C LYS C 42 18.42 32.15 -6.02
N THR C 43 18.94 33.24 -6.58
CA THR C 43 18.81 33.48 -8.01
C THR C 43 19.48 32.38 -8.82
N LEU C 44 20.61 31.86 -8.31
CA LEU C 44 21.26 30.74 -8.98
C LEU C 44 20.34 29.52 -9.03
N PHE C 45 19.65 29.23 -7.92
CA PHE C 45 18.73 28.10 -7.90
C PHE C 45 17.58 28.32 -8.88
N TYR C 46 17.04 29.54 -8.94
CA TYR C 46 15.96 29.82 -9.88
C TYR C 46 16.41 29.64 -11.32
N ARG C 47 17.61 30.15 -11.65
CA ARG C 47 18.14 29.98 -13.00
C ARG C 47 18.36 28.51 -13.32
N LEU C 48 18.88 27.74 -12.35
CA LEU C 48 19.09 26.31 -12.58
C LEU C 48 17.77 25.59 -12.81
N GLU C 49 16.73 25.95 -12.05
CA GLU C 49 15.43 25.32 -12.25
C GLU C 49 14.86 25.65 -13.62
N ILE C 50 14.99 26.91 -14.05
CA ILE C 50 14.50 27.29 -15.37
C ILE C 50 15.24 26.53 -16.46
N LEU C 51 16.56 26.43 -16.33
CA LEU C 51 17.36 25.69 -17.31
C LEU C 51 16.98 24.21 -17.31
N GLU C 52 16.74 23.63 -16.13
CA GLU C 52 16.34 22.24 -16.05
C GLU C 52 15.01 22.00 -16.77
N GLY C 53 14.04 22.88 -16.53
CA GLY C 53 12.77 22.76 -17.21
C GLY C 53 12.90 22.88 -18.73
N ILE C 54 13.69 23.86 -19.18
CA ILE C 54 13.87 24.06 -20.61
C ILE C 54 14.55 22.84 -21.23
N THR C 55 15.57 22.31 -20.57
CA THR C 55 16.26 21.12 -21.09
C THR C 55 15.35 19.91 -21.12
N ILE C 56 14.51 19.72 -20.09
CA ILE C 56 13.58 18.61 -20.09
C ILE C 56 12.60 18.73 -21.25
N VAL C 57 12.05 19.93 -21.47
CA VAL C 57 11.12 20.13 -22.58
C VAL C 57 11.82 19.86 -23.91
N GLY C 58 13.05 20.36 -24.06
CA GLY C 58 13.78 20.16 -25.30
C GLY C 58 14.08 18.70 -25.57
N MET C 59 14.50 17.97 -24.53
CA MET C 59 14.77 16.54 -24.71
C MET C 59 13.51 15.77 -25.03
N ALA C 60 12.38 16.12 -24.40
CA ALA C 60 11.12 15.47 -24.73
C ALA C 60 10.73 15.72 -26.19
N LEU C 61 10.87 16.96 -26.65
CA LEU C 61 10.56 17.29 -28.04
C LEU C 61 11.48 16.53 -29.00
N THR C 62 12.78 16.48 -28.68
CA THR C 62 13.73 15.79 -29.53
C THR C 62 13.42 14.31 -29.61
N GLY C 63 13.11 13.68 -28.47
CA GLY C 63 12.75 12.28 -28.48
C GLY C 63 11.47 12.01 -29.26
N MET C 64 10.47 12.89 -29.11
CA MET C 64 9.23 12.74 -29.86
C MET C 64 9.48 12.82 -31.36
N ALA C 65 10.24 13.83 -31.78
CA ALA C 65 10.52 14.01 -33.21
C ALA C 65 11.33 12.84 -33.76
N GLY C 66 12.32 12.37 -33.00
CA GLY C 66 13.12 11.25 -33.47
C GLY C 66 12.33 9.95 -33.54
N GLU C 67 11.48 9.71 -32.54
CA GLU C 67 10.69 8.48 -32.54
C GLU C 67 9.70 8.46 -33.69
N GLN C 68 9.04 9.59 -33.98
CA GLN C 68 8.13 9.66 -35.11
C GLN C 68 8.95 9.79 -36.38
N PHE C 69 9.03 8.71 -37.15
CA PHE C 69 9.75 8.71 -38.41
C PHE C 69 9.13 9.72 -39.37
N ILE C 70 7.81 9.73 -39.43
CA ILE C 70 7.09 10.74 -40.21
C ILE C 70 7.07 12.05 -39.43
N PRO C 71 7.54 13.16 -40.02
CA PRO C 71 7.57 14.47 -39.35
C PRO C 71 6.19 14.94 -38.92
N GLY C 84 -8.78 5.32 -41.14
CA GLY C 84 -9.63 4.35 -40.50
C GLY C 84 -8.94 3.03 -40.24
N HIS C 85 -7.61 3.07 -40.17
CA HIS C 85 -6.81 1.87 -39.92
C HIS C 85 -5.71 2.27 -38.93
N TRP C 86 -4.91 1.29 -38.52
CA TRP C 86 -3.81 1.52 -37.58
C TRP C 86 -2.51 0.99 -38.17
N ASN C 87 -1.47 1.81 -38.11
CA ASN C 87 -0.14 1.42 -38.57
C ASN C 87 0.90 2.00 -37.61
N GLN C 88 2.03 1.31 -37.52
CA GLN C 88 3.13 1.62 -36.60
C GLN C 88 2.61 2.09 -35.25
N LEU C 89 1.66 1.34 -34.69
CA LEU C 89 1.00 1.76 -33.45
C LEU C 89 1.94 1.76 -32.26
N LEU C 90 3.05 1.03 -32.35
CA LEU C 90 3.97 0.93 -31.22
C LEU C 90 4.64 2.26 -30.92
N GLY C 91 4.89 3.09 -31.93
CA GLY C 91 5.54 4.36 -31.71
C GLY C 91 4.68 5.37 -30.98
N TRP C 92 3.37 5.22 -31.04
CA TRP C 92 2.48 6.14 -30.35
C TRP C 92 2.64 6.04 -28.84
N HIS C 93 3.05 4.87 -28.33
CA HIS C 93 3.32 4.75 -26.90
C HIS C 93 4.49 5.62 -26.49
N HIS C 94 5.59 5.57 -27.24
CA HIS C 94 6.73 6.45 -26.96
C HIS C 94 6.33 7.91 -27.13
N PHE C 95 5.50 8.19 -28.14
CA PHE C 95 4.98 9.54 -28.33
C PHE C 95 4.26 10.04 -27.08
N THR C 96 3.39 9.20 -26.52
CA THR C 96 2.63 9.57 -25.34
C THR C 96 3.54 9.77 -24.14
N MET C 97 4.54 8.89 -23.97
CA MET C 97 5.45 9.04 -22.84
C MET C 97 6.24 10.34 -22.94
N TYR C 98 6.72 10.66 -24.14
CA TYR C 98 7.45 11.92 -24.32
C TYR C 98 6.54 13.12 -24.11
N PHE C 99 5.28 13.01 -24.53
CA PHE C 99 4.32 14.09 -24.31
C PHE C 99 4.09 14.32 -22.81
N PHE C 100 3.98 13.23 -22.04
CA PHE C 100 3.80 13.37 -20.61
C PHE C 100 5.02 13.99 -19.94
N PHE C 101 6.22 13.59 -20.37
CA PHE C 101 7.42 14.22 -19.80
C PHE C 101 7.51 15.69 -20.17
N GLY C 102 7.11 16.05 -21.40
CA GLY C 102 7.05 17.46 -21.77
C GLY C 102 6.04 18.23 -20.95
N LEU C 103 4.90 17.61 -20.65
CA LEU C 103 3.93 18.25 -19.76
C LEU C 103 4.52 18.47 -18.38
N LEU C 104 5.28 17.50 -17.86
CA LEU C 104 5.96 17.68 -16.59
C LEU C 104 6.91 18.87 -16.64
N GLY C 105 7.69 18.97 -17.72
CA GLY C 105 8.61 20.09 -17.85
C GLY C 105 7.90 21.43 -17.92
N VAL C 106 6.80 21.50 -18.68
CA VAL C 106 6.03 22.72 -18.78
C VAL C 106 5.44 23.11 -17.43
N ALA C 107 4.94 22.11 -16.68
CA ALA C 107 4.40 22.37 -15.35
C ALA C 107 5.48 22.89 -14.42
N ASP C 108 6.68 22.32 -14.49
CA ASP C 108 7.78 22.82 -13.65
C ASP C 108 8.13 24.26 -14.00
N ILE C 109 8.17 24.57 -15.30
CA ILE C 109 8.46 25.95 -15.73
C ILE C 109 7.40 26.90 -15.22
N LEU C 110 6.13 26.53 -15.34
CA LEU C 110 5.05 27.40 -14.87
C LEU C 110 5.11 27.59 -13.36
N CYS C 111 5.38 26.50 -12.62
CA CYS C 111 5.45 26.60 -11.16
C CYS C 111 6.59 27.51 -10.72
N PHE C 112 7.75 27.41 -11.38
CA PHE C 112 8.85 28.28 -11.00
C PHE C 112 8.75 29.68 -11.63
N THR C 113 7.80 29.90 -12.52
CA THR C 113 7.55 31.22 -13.09
C THR C 113 6.53 32.01 -12.29
N ILE C 114 5.44 31.38 -11.87
CA ILE C 114 4.39 32.04 -11.10
C ILE C 114 4.48 31.55 -9.65
N SER C 115 4.56 32.50 -8.72
CA SER C 115 4.75 32.16 -7.31
C SER C 115 3.50 31.59 -6.66
N SER C 116 2.32 31.82 -7.26
CA SER C 116 1.09 31.34 -6.63
C SER C 116 1.03 29.82 -6.57
N LEU C 117 1.50 29.15 -7.61
CA LEU C 117 1.41 27.70 -7.66
C LEU C 117 2.33 27.08 -6.62
N PRO C 118 1.90 26.02 -5.95
CA PRO C 118 2.78 25.33 -4.99
C PRO C 118 3.97 24.69 -5.67
N VAL C 119 5.07 24.60 -4.92
CA VAL C 119 6.30 24.03 -5.47
C VAL C 119 6.16 22.53 -5.68
N SER C 120 5.51 21.83 -4.75
CA SER C 120 5.43 20.38 -4.80
C SER C 120 4.64 19.87 -6.00
N LEU C 121 3.83 20.74 -6.63
CA LEU C 121 3.04 20.32 -7.78
C LEU C 121 3.90 19.64 -8.82
N THR C 122 5.07 20.22 -9.12
CA THR C 122 5.98 19.61 -10.08
C THR C 122 6.26 18.16 -9.71
N LYS C 123 6.65 17.93 -8.45
CA LYS C 123 6.90 16.57 -7.99
C LYS C 123 5.70 15.68 -8.31
N LEU C 124 4.50 16.13 -7.95
CA LEU C 124 3.30 15.36 -8.25
C LEU C 124 3.24 14.99 -9.72
N MET C 125 3.43 15.99 -10.59
CA MET C 125 3.39 15.72 -12.02
C MET C 125 4.38 14.63 -12.38
N LEU C 126 5.61 14.74 -11.88
CA LEU C 126 6.61 13.72 -12.16
C LEU C 126 6.08 12.34 -11.82
N SER C 127 5.54 12.19 -10.61
CA SER C 127 4.99 10.90 -10.22
C SER C 127 3.98 10.41 -11.24
N ASN C 128 3.02 11.29 -11.59
CA ASN C 128 2.00 10.91 -12.56
C ASN C 128 2.66 10.37 -13.81
N ALA C 129 3.62 11.11 -14.37
CA ALA C 129 4.27 10.69 -15.60
C ALA C 129 4.82 9.29 -15.44
N LEU C 130 5.56 9.06 -14.35
CA LEU C 130 6.14 7.74 -14.13
C LEU C 130 5.06 6.67 -14.16
N PHE C 131 3.98 6.89 -13.42
CA PHE C 131 2.90 5.90 -13.41
C PHE C 131 2.42 5.62 -14.81
N VAL C 132 2.18 6.68 -15.60
CA VAL C 132 1.69 6.50 -16.96
C VAL C 132 2.65 5.60 -17.72
N GLU C 133 3.95 5.90 -17.63
CA GLU C 133 4.94 5.09 -18.33
C GLU C 133 4.79 3.64 -17.95
N ALA C 134 4.72 3.36 -16.63
CA ALA C 134 4.57 1.99 -16.18
C ALA C 134 3.36 1.34 -16.85
N PHE C 135 2.22 2.04 -16.82
CA PHE C 135 1.02 1.48 -17.40
C PHE C 135 1.26 1.09 -18.85
N ILE C 136 1.88 1.98 -19.61
CA ILE C 136 2.14 1.68 -21.02
C ILE C 136 3.01 0.45 -21.15
N PHE C 137 4.08 0.38 -20.34
CA PHE C 137 4.99 -0.75 -20.45
C PHE C 137 4.35 -2.03 -19.95
N TYR C 138 3.20 -1.95 -19.27
CA TYR C 138 2.52 -3.17 -18.88
C TYR C 138 1.74 -3.79 -20.03
N ASN C 139 1.51 -3.04 -21.11
CA ASN C 139 0.77 -3.54 -22.25
C ASN C 139 1.50 -3.40 -23.58
N HIS C 140 2.68 -2.81 -23.59
CA HIS C 140 3.41 -2.60 -24.84
C HIS C 140 3.78 -3.94 -25.49
N THR C 141 4.20 -4.91 -24.68
CA THR C 141 4.57 -6.22 -25.19
C THR C 141 3.37 -7.15 -25.15
N HIS C 142 3.05 -7.74 -26.31
CA HIS C 142 1.95 -8.69 -26.41
C HIS C 142 2.44 -10.11 -26.69
N GLY C 143 3.22 -10.31 -27.74
CA GLY C 143 3.81 -11.59 -28.07
C GLY C 143 5.20 -11.75 -27.48
N ARG C 144 6.15 -12.11 -28.35
CA ARG C 144 7.56 -12.15 -28.02
C ARG C 144 7.86 -13.30 -27.05
N GLU C 145 9.12 -13.44 -26.66
CA GLU C 145 9.54 -14.59 -25.87
C GLU C 145 9.58 -14.26 -24.38
N MET C 146 9.79 -15.31 -23.58
CA MET C 146 9.75 -15.17 -22.12
C MET C 146 10.84 -14.24 -21.61
N LEU C 147 12.03 -14.27 -22.23
CA LEU C 147 13.11 -13.41 -21.78
C LEU C 147 12.76 -11.94 -21.93
N ASP C 148 12.24 -11.55 -23.10
CA ASP C 148 11.84 -10.17 -23.32
C ASP C 148 10.73 -9.77 -22.38
N ILE C 149 9.76 -10.66 -22.17
CA ILE C 149 8.65 -10.38 -21.25
C ILE C 149 9.17 -10.13 -19.84
N PHE C 150 10.09 -10.99 -19.39
CA PHE C 150 10.65 -10.85 -18.05
C PHE C 150 11.42 -9.54 -17.90
N VAL C 151 12.21 -9.19 -18.91
CA VAL C 151 12.98 -7.95 -18.84
C VAL C 151 12.06 -6.74 -18.80
N HIS C 152 11.02 -6.73 -19.64
CA HIS C 152 10.08 -5.62 -19.61
C HIS C 152 9.32 -5.56 -18.30
N GLN C 153 9.01 -6.71 -17.70
CA GLN C 153 8.37 -6.70 -16.39
C GLN C 153 9.28 -6.14 -15.32
N LEU C 154 10.58 -6.44 -15.39
CA LEU C 154 11.53 -5.81 -14.46
C LEU C 154 11.56 -4.30 -14.65
N LEU C 155 11.54 -3.84 -15.90
CA LEU C 155 11.49 -2.40 -16.16
C LEU C 155 10.23 -1.78 -15.58
N VAL C 156 9.09 -2.47 -15.74
CA VAL C 156 7.83 -1.99 -15.17
C VAL C 156 7.94 -1.88 -13.65
N LEU C 157 8.55 -2.89 -13.01
CA LEU C 157 8.72 -2.85 -11.56
C LEU C 157 9.56 -1.66 -11.14
N VAL C 158 10.65 -1.40 -11.85
CA VAL C 158 11.51 -0.27 -11.52
C VAL C 158 10.74 1.04 -11.65
N VAL C 159 10.00 1.19 -12.74
CA VAL C 159 9.25 2.43 -12.96
C VAL C 159 8.20 2.62 -11.87
N PHE C 160 7.51 1.53 -11.50
CA PHE C 160 6.48 1.63 -10.47
C PHE C 160 7.08 2.01 -9.11
N LEU C 161 8.22 1.41 -8.76
CA LEU C 161 8.88 1.78 -7.51
C LEU C 161 9.33 3.23 -7.53
N THR C 162 9.87 3.71 -8.65
CA THR C 162 10.26 5.11 -8.74
C THR C 162 9.06 6.03 -8.59
N GLY C 163 7.93 5.68 -9.20
CA GLY C 163 6.74 6.49 -9.05
C GLY C 163 6.24 6.53 -7.62
N LEU C 164 6.26 5.39 -6.94
CA LEU C 164 5.85 5.37 -5.53
C LEU C 164 6.76 6.23 -4.68
N VAL C 165 8.08 6.15 -4.91
CA VAL C 165 9.02 6.96 -4.14
C VAL C 165 8.78 8.44 -4.40
N ALA C 166 8.53 8.80 -5.67
CA ALA C 166 8.25 10.20 -5.99
C ALA C 166 6.98 10.70 -5.31
N PHE C 167 5.92 9.87 -5.30
CA PHE C 167 4.70 10.28 -4.62
C PHE C 167 4.91 10.45 -3.13
N LEU C 168 5.65 9.52 -2.50
CA LEU C 168 5.95 9.65 -1.08
C LEU C 168 6.78 10.90 -0.79
N GLU C 169 7.74 11.21 -1.66
CA GLU C 169 8.50 12.45 -1.51
C GLU C 169 7.61 13.67 -1.63
N PHE C 170 6.63 13.64 -2.54
CA PHE C 170 5.66 14.72 -2.62
C PHE C 170 4.88 14.87 -1.32
N LEU C 171 4.49 13.74 -0.72
CA LEU C 171 3.72 13.80 0.53
C LEU C 171 4.55 14.36 1.68
N VAL C 172 5.83 13.99 1.77
CA VAL C 172 6.66 14.42 2.89
C VAL C 172 7.68 15.45 2.41
N ARG C 173 7.56 16.69 2.89
CA ARG C 173 8.39 17.77 2.40
C ARG C 173 9.83 17.61 2.83
N ASN C 174 10.75 17.87 1.89
CA ASN C 174 12.17 18.08 2.18
C ASN C 174 12.79 16.86 2.87
N ASN C 175 12.88 15.76 2.13
CA ASN C 175 13.55 14.55 2.59
C ASN C 175 14.73 14.27 1.67
N VAL C 176 15.93 14.55 2.16
CA VAL C 176 17.15 14.39 1.35
C VAL C 176 17.35 12.93 0.99
N LEU C 177 17.11 12.03 1.94
CA LEU C 177 17.29 10.60 1.67
C LEU C 177 16.32 10.12 0.60
N LEU C 178 15.08 10.61 0.63
CA LEU C 178 14.12 10.24 -0.41
C LEU C 178 14.57 10.75 -1.77
N GLU C 179 15.10 11.97 -1.83
CA GLU C 179 15.58 12.50 -3.10
C GLU C 179 16.76 11.68 -3.63
N LEU C 180 17.67 11.29 -2.75
CA LEU C 180 18.79 10.45 -3.18
C LEU C 180 18.30 9.09 -3.66
N LEU C 181 17.31 8.51 -2.98
CA LEU C 181 16.75 7.25 -3.42
C LEU C 181 16.10 7.37 -4.79
N ARG C 182 15.38 8.47 -5.03
CA ARG C 182 14.78 8.68 -6.34
C ARG C 182 15.84 8.82 -7.42
N SER C 183 16.93 9.55 -7.13
CA SER C 183 18.01 9.67 -8.09
C SER C 183 18.65 8.33 -8.39
N SER C 184 18.87 7.51 -7.36
CA SER C 184 19.44 6.18 -7.56
C SER C 184 18.51 5.31 -8.40
N LEU C 185 17.20 5.41 -8.17
CA LEU C 185 16.26 4.66 -8.98
C LEU C 185 16.28 5.10 -10.44
N ILE C 186 16.40 6.41 -10.69
CA ILE C 186 16.49 6.90 -12.06
C ILE C 186 17.74 6.37 -12.73
N LEU C 187 18.87 6.39 -12.03
CA LEU C 187 20.10 5.85 -12.58
C LEU C 187 19.98 4.36 -12.87
N LEU C 188 19.32 3.62 -11.97
CA LEU C 188 19.09 2.20 -12.21
C LEU C 188 18.22 1.98 -13.44
N GLN C 189 17.19 2.81 -13.63
CA GLN C 189 16.35 2.69 -14.81
C GLN C 189 17.17 2.92 -16.09
N GLY C 190 18.04 3.93 -16.07
CA GLY C 190 18.88 4.17 -17.23
C GLY C 190 19.83 3.03 -17.53
N SER C 191 20.48 2.50 -16.49
CA SER C 191 21.39 1.38 -16.67
C SER C 191 20.64 0.15 -17.19
N TRP C 192 19.43 -0.08 -16.69
CA TRP C 192 18.67 -1.22 -17.17
C TRP C 192 18.20 -1.02 -18.60
N PHE C 193 17.91 0.22 -19.00
CA PHE C 193 17.60 0.48 -20.40
C PHE C 193 18.78 0.13 -21.28
N PHE C 194 20.00 0.51 -20.85
CA PHE C 194 21.19 0.13 -21.61
C PHE C 194 21.35 -1.38 -21.66
N GLN C 195 21.07 -2.07 -20.55
CA GLN C 195 21.15 -3.53 -20.54
C GLN C 195 20.15 -4.14 -21.50
N ILE C 196 18.93 -3.61 -21.53
CA ILE C 196 17.91 -4.08 -22.48
C ILE C 196 18.41 -3.94 -23.89
N GLY C 197 18.99 -2.78 -24.22
CA GLY C 197 19.52 -2.57 -25.55
C GLY C 197 20.60 -3.56 -25.90
N PHE C 198 21.56 -3.73 -24.98
CA PHE C 198 22.68 -4.65 -25.23
C PHE C 198 22.25 -6.09 -25.37
N VAL C 199 21.19 -6.52 -24.68
CA VAL C 199 20.73 -7.89 -24.71
C VAL C 199 19.85 -8.16 -25.94
N LEU C 200 18.88 -7.28 -26.19
CA LEU C 200 17.94 -7.53 -27.28
C LEU C 200 18.60 -7.33 -28.65
N TYR C 201 19.38 -6.25 -28.81
CA TYR C 201 19.99 -5.90 -30.08
C TYR C 201 21.49 -5.72 -29.86
N PRO C 202 22.25 -6.79 -29.85
CA PRO C 202 23.70 -6.68 -29.63
C PRO C 202 24.36 -5.83 -30.70
N PRO C 203 25.32 -4.99 -30.33
CA PRO C 203 26.02 -4.17 -31.33
C PRO C 203 26.97 -4.99 -32.19
N SER C 204 27.24 -6.22 -31.76
CA SER C 204 28.15 -7.09 -32.51
C SER C 204 27.55 -7.59 -33.81
N GLY C 205 26.25 -7.42 -34.01
CA GLY C 205 25.57 -7.85 -35.22
C GLY C 205 24.95 -9.23 -35.13
N GLY C 206 25.62 -10.16 -34.46
CA GLY C 206 25.12 -11.51 -34.31
C GLY C 206 24.48 -11.72 -32.96
N PRO C 207 23.39 -12.50 -32.94
CA PRO C 207 22.73 -12.81 -31.66
C PRO C 207 23.66 -13.55 -30.72
N ALA C 208 23.54 -13.24 -29.43
CA ALA C 208 24.37 -13.85 -28.41
C ALA C 208 23.58 -14.55 -27.32
N TRP C 209 22.45 -14.01 -26.90
CA TRP C 209 21.64 -14.55 -25.82
C TRP C 209 20.39 -15.20 -26.40
N ASP C 210 20.18 -16.48 -26.08
CA ASP C 210 18.95 -17.16 -26.47
C ASP C 210 17.76 -16.56 -25.74
N LEU C 211 16.62 -16.54 -26.42
CA LEU C 211 15.42 -15.93 -25.87
C LEU C 211 14.66 -16.85 -24.92
N MET C 212 15.08 -18.11 -24.78
CA MET C 212 14.42 -19.07 -23.89
C MET C 212 15.48 -19.78 -23.06
N ASP C 213 15.79 -19.23 -21.89
CA ASP C 213 16.77 -19.85 -21.00
C ASP C 213 16.54 -19.36 -19.57
N HIS C 214 16.16 -20.28 -18.69
CA HIS C 214 16.02 -19.95 -17.28
C HIS C 214 17.36 -19.57 -16.66
N GLU C 215 18.46 -20.11 -17.19
CA GLU C 215 19.78 -19.66 -16.75
C GLU C 215 19.99 -18.19 -17.08
N ASN C 216 19.53 -17.77 -18.27
CA ASN C 216 19.60 -16.35 -18.62
C ASN C 216 18.76 -15.51 -17.66
N ILE C 217 17.58 -16.00 -17.28
CA ILE C 217 16.73 -15.27 -16.34
C ILE C 217 17.44 -15.12 -14.99
N LEU C 218 18.04 -16.21 -14.51
CA LEU C 218 18.77 -16.17 -13.24
C LEU C 218 19.94 -15.20 -13.31
N PHE C 219 20.68 -15.21 -14.42
CA PHE C 219 21.79 -14.28 -14.57
C PHE C 219 21.29 -12.84 -14.64
N LEU C 220 20.15 -12.62 -15.29
CA LEU C 220 19.63 -11.25 -15.40
C LEU C 220 19.19 -10.72 -14.05
N THR C 221 18.64 -11.57 -13.18
CA THR C 221 18.29 -11.11 -11.84
C THR C 221 19.52 -10.61 -11.09
N ILE C 222 20.62 -11.37 -11.14
CA ILE C 222 21.85 -10.97 -10.46
C ILE C 222 22.42 -9.72 -11.11
N CYS C 223 22.31 -9.61 -12.44
CA CYS C 223 22.78 -8.40 -13.12
C CYS C 223 21.99 -7.18 -12.69
N PHE C 224 20.67 -7.33 -12.50
CA PHE C 224 19.85 -6.23 -12.02
C PHE C 224 20.26 -5.82 -10.61
N CYS C 225 20.50 -6.80 -9.73
CA CYS C 225 20.97 -6.47 -8.39
C CYS C 225 22.32 -5.76 -8.43
N TRP C 226 23.24 -6.22 -9.30
CA TRP C 226 24.52 -5.55 -9.42
C TRP C 226 24.37 -4.13 -9.93
N HIS C 227 23.45 -3.91 -10.87
CA HIS C 227 23.20 -2.55 -11.36
C HIS C 227 22.71 -1.66 -10.24
N TYR C 228 21.80 -2.17 -9.40
CA TYR C 228 21.32 -1.38 -8.26
C TYR C 228 22.46 -1.04 -7.30
N ALA C 229 23.32 -2.02 -7.02
CA ALA C 229 24.47 -1.77 -6.15
C ALA C 229 25.41 -0.74 -6.74
N VAL C 230 25.65 -0.82 -8.05
CA VAL C 230 26.52 0.14 -8.74
C VAL C 230 25.93 1.53 -8.66
N THR C 231 24.61 1.66 -8.85
CA THR C 231 23.99 2.97 -8.73
C THR C 231 24.12 3.54 -7.33
N ILE C 232 23.95 2.70 -6.30
CA ILE C 232 24.13 3.18 -4.93
C ILE C 232 25.57 3.67 -4.72
N VAL C 233 26.54 2.90 -5.21
CA VAL C 233 27.94 3.29 -5.07
C VAL C 233 28.21 4.60 -5.82
N ILE C 234 27.62 4.77 -6.99
CA ILE C 234 27.81 6.00 -7.75
C ILE C 234 27.24 7.19 -7.00
N VAL C 235 26.07 7.02 -6.39
CA VAL C 235 25.49 8.11 -5.59
C VAL C 235 26.40 8.46 -4.42
N GLY C 236 26.92 7.46 -3.74
CA GLY C 236 27.85 7.72 -2.64
C GLY C 236 29.10 8.44 -3.10
N MET C 237 29.68 8.02 -4.22
CA MET C 237 30.87 8.67 -4.76
C MET C 237 30.58 10.11 -5.16
N ASN C 238 29.41 10.36 -5.75
CA ASN C 238 29.04 11.73 -6.11
C ASN C 238 28.90 12.60 -4.87
N TYR C 239 28.30 12.06 -3.80
CA TYR C 239 28.18 12.81 -2.56
C TYR C 239 29.56 13.14 -2.00
N ALA C 240 30.46 12.16 -2.01
CA ALA C 240 31.82 12.40 -1.51
C ALA C 240 32.54 13.45 -2.34
N PHE C 241 32.39 13.38 -3.66
CA PHE C 241 33.06 14.34 -4.54
C PHE C 241 32.53 15.75 -4.34
N ILE C 242 31.21 15.90 -4.17
CA ILE C 242 30.65 17.22 -3.94
C ILE C 242 31.10 17.75 -2.58
N THR C 243 31.16 16.90 -1.56
CA THR C 243 31.68 17.33 -0.27
C THR C 243 33.12 17.81 -0.38
N TRP C 244 33.94 17.06 -1.12
CA TRP C 244 35.34 17.44 -1.34
C TRP C 244 35.42 18.79 -2.05
N LEU C 245 34.60 18.99 -3.07
CA LEU C 245 34.62 20.24 -3.82
C LEU C 245 34.21 21.42 -2.94
N VAL C 246 33.17 21.23 -2.11
CA VAL C 246 32.74 22.28 -1.21
C VAL C 246 33.83 22.61 -0.20
N LYS C 247 34.48 21.58 0.35
CA LYS C 247 35.55 21.82 1.30
C LYS C 247 36.71 22.56 0.67
N SER C 248 37.07 22.19 -0.57
CA SER C 248 38.15 22.88 -1.27
C SER C 248 37.78 24.33 -1.55
N ARG C 249 36.54 24.59 -1.96
CA ARG C 249 36.10 25.95 -2.23
C ARG C 249 36.11 26.80 -0.96
N LEU C 250 35.67 26.23 0.15
CA LEU C 250 35.64 26.95 1.42
C LEU C 250 37.05 27.20 1.95
N ASN D 2 -29.10 0.87 -23.93
CA ASN D 2 -28.01 0.71 -22.98
C ASN D 2 -27.00 1.85 -23.14
N PHE D 3 -26.94 2.42 -24.34
CA PHE D 3 -26.04 3.53 -24.58
C PHE D 3 -26.39 4.72 -23.69
N ARG D 4 -27.68 5.02 -23.56
CA ARG D 4 -28.10 6.07 -22.64
C ARG D 4 -27.77 5.71 -21.20
N GLY D 5 -27.93 4.44 -20.84
CA GLY D 5 -27.60 4.00 -19.48
C GLY D 5 -26.13 4.15 -19.16
N HIS D 6 -25.26 4.00 -20.16
CA HIS D 6 -23.84 4.29 -19.96
C HIS D 6 -23.55 5.78 -19.97
N ALA D 7 -24.27 6.55 -20.80
CA ALA D 7 -23.93 7.95 -21.00
C ALA D 7 -24.37 8.83 -19.83
N LEU D 8 -25.51 8.53 -19.22
CA LEU D 8 -26.01 9.36 -18.13
C LEU D 8 -25.04 9.47 -16.97
N PRO D 9 -24.47 8.37 -16.44
CA PRO D 9 -23.45 8.53 -15.39
C PRO D 9 -22.26 9.33 -15.84
N GLY D 10 -21.90 9.27 -17.12
CA GLY D 10 -20.80 10.10 -17.60
C GLY D 10 -21.09 11.57 -17.42
N THR D 11 -22.29 12.01 -17.81
CA THR D 11 -22.68 13.40 -17.62
C THR D 11 -22.72 13.75 -16.14
N PHE D 12 -23.25 12.86 -15.30
CA PHE D 12 -23.30 13.13 -13.87
C PHE D 12 -21.91 13.34 -13.29
N PHE D 13 -20.98 12.44 -13.63
CA PHE D 13 -19.63 12.55 -13.11
C PHE D 13 -18.91 13.77 -13.65
N PHE D 14 -19.14 14.11 -14.92
CA PHE D 14 -18.53 15.30 -15.50
C PHE D 14 -18.98 16.55 -14.75
N ILE D 15 -20.29 16.66 -14.51
CA ILE D 15 -20.82 17.82 -13.79
C ILE D 15 -20.26 17.88 -12.37
N ILE D 16 -20.24 16.73 -11.69
CA ILE D 16 -19.75 16.70 -10.31
C ILE D 16 -18.28 17.09 -10.24
N GLY D 17 -17.47 16.57 -11.17
CA GLY D 17 -16.06 16.93 -11.18
C GLY D 17 -15.83 18.40 -11.45
N LEU D 18 -16.56 18.96 -12.42
CA LEU D 18 -16.43 20.39 -12.69
C LEU D 18 -16.82 21.22 -11.46
N TRP D 19 -17.93 20.85 -10.81
CA TRP D 19 -18.37 21.61 -9.64
C TRP D 19 -17.35 21.52 -8.52
N TRP D 20 -16.81 20.33 -8.26
CA TRP D 20 -15.83 20.17 -7.20
C TRP D 20 -14.56 20.93 -7.49
N CYS D 21 -14.08 20.90 -8.74
CA CYS D 21 -12.88 21.65 -9.09
C CYS D 21 -13.10 23.15 -8.91
N THR D 22 -14.25 23.65 -9.36
CA THR D 22 -14.56 25.06 -9.19
C THR D 22 -14.63 25.44 -7.72
N LYS D 23 -15.26 24.59 -6.91
CA LYS D 23 -15.36 24.85 -5.48
C LYS D 23 -13.98 24.91 -4.83
N SER D 24 -13.11 23.96 -5.16
CA SER D 24 -11.78 23.94 -4.57
C SER D 24 -10.98 25.17 -4.95
N ILE D 25 -11.01 25.54 -6.24
CA ILE D 25 -10.27 26.72 -6.68
C ILE D 25 -10.81 27.97 -6.01
N LEU D 26 -12.13 28.10 -5.91
CA LEU D 26 -12.73 29.26 -5.26
C LEU D 26 -12.36 29.32 -3.79
N LYS D 27 -12.32 28.17 -3.11
CA LYS D 27 -11.94 28.15 -1.70
C LYS D 27 -10.50 28.57 -1.53
N TYR D 28 -9.60 28.09 -2.40
CA TYR D 28 -8.21 28.52 -2.31
C TYR D 28 -8.06 30.01 -2.56
N ILE D 29 -8.81 30.54 -3.54
CA ILE D 29 -8.76 31.97 -3.82
C ILE D 29 -9.28 32.78 -2.64
N CYS D 30 -10.36 32.30 -2.00
CA CYS D 30 -10.89 32.96 -0.82
C CYS D 30 -9.88 32.94 0.32
N LYS D 31 -9.16 31.84 0.50
CA LYS D 31 -8.10 31.79 1.50
C LYS D 31 -7.01 32.81 1.19
N LYS D 32 -6.62 32.91 -0.09
CA LYS D 32 -5.64 33.93 -0.46
C LYS D 32 -6.20 35.33 -0.38
N GLN D 33 -7.53 35.47 -0.38
CA GLN D 33 -8.15 36.79 -0.38
C GLN D 33 -7.92 37.50 0.95
N LYS D 34 -7.83 38.82 0.90
CA LYS D 34 -7.53 39.60 2.09
C LYS D 34 -8.73 39.68 3.03
N ARG D 35 -9.94 39.84 2.46
CA ARG D 35 -11.10 40.07 3.31
C ARG D 35 -12.33 39.43 2.65
N THR D 36 -13.52 39.80 3.12
CA THR D 36 -14.77 39.20 2.65
C THR D 36 -15.36 39.98 1.48
N CYS D 37 -14.51 40.65 0.72
CA CYS D 37 -14.96 41.52 -0.37
C CYS D 37 -15.80 40.77 -1.39
N TYR D 38 -15.36 39.58 -1.80
CA TYR D 38 -16.06 38.86 -2.85
C TYR D 38 -16.46 37.45 -2.44
N LEU D 39 -15.61 36.76 -1.67
CA LEU D 39 -15.84 35.36 -1.35
C LEU D 39 -15.67 35.02 0.13
N GLY D 40 -15.38 36.01 0.98
CA GLY D 40 -15.10 35.71 2.37
C GLY D 40 -16.31 35.22 3.14
N SER D 41 -17.51 35.54 2.65
CA SER D 41 -18.73 35.12 3.33
C SER D 41 -18.82 33.60 3.40
N LYS D 42 -19.16 33.08 4.58
CA LYS D 42 -19.26 31.64 4.79
C LYS D 42 -20.68 31.11 4.61
N THR D 43 -21.69 31.98 4.70
CA THR D 43 -23.06 31.55 4.44
C THR D 43 -23.21 31.07 3.00
N LEU D 44 -22.50 31.71 2.06
CA LEU D 44 -22.52 31.26 0.68
C LEU D 44 -21.98 29.84 0.56
N PHE D 45 -20.89 29.54 1.26
CA PHE D 45 -20.33 28.18 1.23
C PHE D 45 -21.32 27.17 1.82
N TYR D 46 -21.98 27.54 2.93
CA TYR D 46 -22.95 26.63 3.52
C TYR D 46 -24.11 26.36 2.58
N ARG D 47 -24.63 27.41 1.93
CA ARG D 47 -25.70 27.23 0.97
C ARG D 47 -25.26 26.37 -0.20
N LEU D 48 -24.04 26.59 -0.69
CA LEU D 48 -23.53 25.78 -1.80
C LEU D 48 -23.40 24.32 -1.40
N GLU D 49 -22.93 24.04 -0.18
CA GLU D 49 -22.83 22.67 0.28
C GLU D 49 -24.19 22.01 0.40
N ILE D 50 -25.18 22.74 0.93
CA ILE D 50 -26.52 22.19 1.04
C ILE D 50 -27.08 21.88 -0.35
N LEU D 51 -26.90 22.81 -1.29
CA LEU D 51 -27.38 22.59 -2.65
C LEU D 51 -26.66 21.40 -3.30
N GLU D 52 -25.37 21.27 -3.06
CA GLU D 52 -24.62 20.14 -3.61
C GLU D 52 -25.15 18.81 -3.07
N GLY D 53 -25.39 18.75 -1.76
CA GLY D 53 -25.95 17.54 -1.20
C GLY D 53 -27.32 17.20 -1.75
N ILE D 54 -28.18 18.22 -1.87
CA ILE D 54 -29.53 18.00 -2.40
C ILE D 54 -29.46 17.52 -3.83
N THR D 55 -28.61 18.13 -4.65
CA THR D 55 -28.47 17.72 -6.04
C THR D 55 -27.91 16.30 -6.15
N ILE D 56 -26.94 15.94 -5.32
CA ILE D 56 -26.42 14.58 -5.35
C ILE D 56 -27.50 13.58 -5.00
N VAL D 57 -28.28 13.86 -3.95
CA VAL D 57 -29.37 12.94 -3.58
C VAL D 57 -30.39 12.84 -4.70
N GLY D 58 -30.74 13.97 -5.31
CA GLY D 58 -31.71 13.94 -6.40
C GLY D 58 -31.23 13.17 -7.61
N MET D 59 -29.95 13.36 -7.97
CA MET D 59 -29.40 12.61 -9.10
C MET D 59 -29.34 11.12 -8.80
N ALA D 60 -28.97 10.76 -7.57
CA ALA D 60 -28.97 9.34 -7.20
C ALA D 60 -30.37 8.74 -7.30
N LEU D 61 -31.37 9.46 -6.80
CA LEU D 61 -32.75 8.97 -6.88
C LEU D 61 -33.20 8.84 -8.33
N THR D 62 -32.87 9.83 -9.16
CA THR D 62 -33.26 9.80 -10.56
C THR D 62 -32.61 8.63 -11.29
N GLY D 63 -31.32 8.41 -11.03
CA GLY D 63 -30.65 7.27 -11.65
C GLY D 63 -31.21 5.94 -11.19
N MET D 64 -31.53 5.83 -9.90
CA MET D 64 -32.13 4.60 -9.38
C MET D 64 -33.48 4.33 -10.05
N ALA D 65 -34.33 5.36 -10.11
CA ALA D 65 -35.65 5.19 -10.72
C ALA D 65 -35.54 4.85 -12.20
N GLY D 66 -34.65 5.53 -12.91
CA GLY D 66 -34.49 5.23 -14.33
C GLY D 66 -33.93 3.85 -14.60
N GLU D 67 -32.96 3.42 -13.79
CA GLU D 67 -32.37 2.11 -13.98
C GLU D 67 -33.39 1.01 -13.72
N GLN D 68 -34.19 1.15 -12.67
CA GLN D 68 -35.23 0.16 -12.38
C GLN D 68 -36.39 0.41 -13.33
N PHE D 69 -36.52 -0.47 -14.34
CA PHE D 69 -37.61 -0.37 -15.30
C PHE D 69 -38.95 -0.51 -14.58
N ILE D 70 -39.04 -1.46 -13.66
CA ILE D 70 -40.22 -1.61 -12.82
C ILE D 70 -40.19 -0.56 -11.72
N PRO D 71 -41.23 0.28 -11.58
CA PRO D 71 -41.28 1.33 -10.56
C PRO D 71 -41.17 0.78 -9.14
N GLY D 84 -38.67 -16.55 -5.32
CA GLY D 84 -37.65 -17.55 -5.08
C GLY D 84 -36.75 -17.78 -6.28
N HIS D 85 -36.69 -16.80 -7.17
CA HIS D 85 -35.88 -16.88 -8.37
C HIS D 85 -35.19 -15.52 -8.56
N TRP D 86 -34.33 -15.42 -9.58
CA TRP D 86 -33.62 -14.19 -9.87
C TRP D 86 -33.85 -13.79 -11.31
N ASN D 87 -34.18 -12.52 -11.53
CA ASN D 87 -34.35 -11.97 -12.86
C ASN D 87 -33.79 -10.56 -12.89
N GLN D 88 -33.35 -10.15 -14.09
CA GLN D 88 -32.68 -8.87 -14.34
C GLN D 88 -31.74 -8.50 -13.19
N LEU D 89 -30.91 -9.45 -12.79
CA LEU D 89 -30.05 -9.25 -11.62
C LEU D 89 -28.99 -8.19 -11.87
N LEU D 90 -28.69 -7.88 -13.13
CA LEU D 90 -27.65 -6.91 -13.42
C LEU D 90 -28.01 -5.51 -12.98
N GLY D 91 -29.30 -5.16 -12.99
CA GLY D 91 -29.71 -3.83 -12.60
C GLY D 91 -29.59 -3.57 -11.12
N TRP D 92 -29.59 -4.62 -10.30
CA TRP D 92 -29.45 -4.45 -8.86
C TRP D 92 -28.08 -3.89 -8.50
N HIS D 93 -27.06 -4.15 -9.31
CA HIS D 93 -25.75 -3.57 -9.07
C HIS D 93 -25.79 -2.04 -9.21
N HIS D 94 -26.41 -1.56 -10.29
CA HIS D 94 -26.58 -0.11 -10.45
C HIS D 94 -27.45 0.46 -9.34
N PHE D 95 -28.47 -0.29 -8.94
CA PHE D 95 -29.32 0.11 -7.82
C PHE D 95 -28.48 0.32 -6.55
N THR D 96 -27.61 -0.63 -6.25
CA THR D 96 -26.77 -0.55 -5.06
C THR D 96 -25.79 0.62 -5.16
N MET D 97 -25.20 0.84 -6.33
CA MET D 97 -24.27 1.96 -6.49
C MET D 97 -24.99 3.30 -6.27
N TYR D 98 -26.18 3.44 -6.85
CA TYR D 98 -26.95 4.67 -6.65
C TYR D 98 -27.36 4.84 -5.20
N PHE D 99 -27.69 3.74 -4.53
CA PHE D 99 -28.04 3.80 -3.12
C PHE D 99 -26.86 4.28 -2.28
N PHE D 100 -25.66 3.79 -2.59
CA PHE D 100 -24.47 4.22 -1.86
C PHE D 100 -24.18 5.70 -2.10
N PHE D 101 -24.33 6.15 -3.34
CA PHE D 101 -24.13 7.58 -3.60
C PHE D 101 -25.17 8.43 -2.89
N GLY D 102 -26.42 7.96 -2.83
CA GLY D 102 -27.43 8.67 -2.06
C GLY D 102 -27.11 8.71 -0.59
N LEU D 103 -26.57 7.62 -0.04
CA LEU D 103 -26.12 7.62 1.35
C LEU D 103 -25.01 8.63 1.56
N LEU D 104 -24.08 8.74 0.62
CA LEU D 104 -23.04 9.76 0.70
C LEU D 104 -23.64 11.16 0.74
N GLY D 105 -24.63 11.42 -0.14
CA GLY D 105 -25.27 12.73 -0.14
C GLY D 105 -25.99 13.02 1.16
N VAL D 106 -26.70 12.03 1.70
CA VAL D 106 -27.41 12.21 2.97
C VAL D 106 -26.43 12.48 4.09
N ALA D 107 -25.30 11.75 4.10
CA ALA D 107 -24.29 11.98 5.12
C ALA D 107 -23.70 13.38 5.02
N ASP D 108 -23.46 13.86 3.80
CA ASP D 108 -22.96 15.22 3.64
C ASP D 108 -23.97 16.24 4.15
N ILE D 109 -25.25 16.04 3.83
CA ILE D 109 -26.29 16.95 4.32
C ILE D 109 -26.33 16.96 5.84
N LEU D 110 -26.28 15.78 6.47
CA LEU D 110 -26.31 15.71 7.92
C LEU D 110 -25.08 16.37 8.54
N CYS D 111 -23.90 16.14 7.94
CA CYS D 111 -22.68 16.74 8.48
C CYS D 111 -22.72 18.25 8.39
N PHE D 112 -23.22 18.81 7.29
CA PHE D 112 -23.31 20.25 7.18
C PHE D 112 -24.52 20.83 7.88
N THR D 113 -25.44 20.00 8.36
CA THR D 113 -26.58 20.45 9.15
C THR D 113 -26.29 20.48 10.64
N ILE D 114 -25.63 19.45 11.17
CA ILE D 114 -25.30 19.38 12.59
C ILE D 114 -23.80 19.62 12.75
N SER D 115 -23.45 20.57 13.61
CA SER D 115 -22.06 20.97 13.76
C SER D 115 -21.23 19.95 14.54
N SER D 116 -21.88 19.04 15.28
CA SER D 116 -21.13 18.09 16.09
C SER D 116 -20.33 17.13 15.22
N LEU D 117 -20.90 16.68 14.10
CA LEU D 117 -20.24 15.71 13.25
C LEU D 117 -19.01 16.33 12.59
N PRO D 118 -17.91 15.59 12.49
CA PRO D 118 -16.72 16.11 11.80
C PRO D 118 -16.98 16.33 10.31
N VAL D 119 -16.27 17.31 9.75
CA VAL D 119 -16.45 17.64 8.35
C VAL D 119 -15.90 16.54 7.45
N SER D 120 -14.76 15.96 7.82
CA SER D 120 -14.10 14.98 6.95
C SER D 120 -14.90 13.70 6.77
N LEU D 121 -15.89 13.47 7.64
CA LEU D 121 -16.70 12.26 7.54
C LEU D 121 -17.26 12.10 6.13
N THR D 122 -17.78 13.19 5.57
CA THR D 122 -18.30 13.15 4.20
C THR D 122 -17.27 12.57 3.25
N LYS D 123 -16.05 13.12 3.29
CA LYS D 123 -14.98 12.60 2.44
C LYS D 123 -14.85 11.10 2.62
N LEU D 124 -14.78 10.64 3.88
CA LEU D 124 -14.68 9.22 4.14
C LEU D 124 -15.78 8.46 3.43
N MET D 125 -17.03 8.91 3.60
CA MET D 125 -18.15 8.24 2.95
C MET D 125 -17.91 8.15 1.45
N LEU D 126 -17.50 9.26 0.83
CA LEU D 126 -17.23 9.25 -0.60
C LEU D 126 -16.27 8.12 -0.95
N SER D 127 -15.15 8.05 -0.23
CA SER D 127 -14.18 7.00 -0.49
C SER D 127 -14.86 5.63 -0.44
N ASN D 128 -15.61 5.38 0.63
CA ASN D 128 -16.28 4.10 0.77
C ASN D 128 -17.11 3.81 -0.47
N ALA D 129 -17.93 4.77 -0.88
CA ALA D 129 -18.78 4.56 -2.04
C ALA D 129 -17.95 4.14 -3.24
N LEU D 130 -16.87 4.88 -3.50
CA LEU D 130 -16.03 4.56 -4.64
C LEU D 130 -15.56 3.11 -4.55
N PHE D 131 -15.03 2.72 -3.39
CA PHE D 131 -14.55 1.35 -3.23
C PHE D 131 -15.66 0.36 -3.58
N VAL D 132 -16.86 0.59 -3.04
CA VAL D 132 -17.97 -0.33 -3.30
C VAL D 132 -18.17 -0.45 -4.80
N GLU D 133 -18.22 0.69 -5.49
CA GLU D 133 -18.42 0.66 -6.93
C GLU D 133 -17.37 -0.23 -7.57
N ALA D 134 -16.10 -0.01 -7.23
CA ALA D 134 -15.04 -0.81 -7.81
C ALA D 134 -15.31 -2.29 -7.59
N PHE D 135 -15.65 -2.66 -6.35
CA PHE D 135 -15.91 -4.07 -6.05
C PHE D 135 -16.98 -4.62 -6.98
N ILE D 136 -18.07 -3.87 -7.15
CA ILE D 136 -19.15 -4.34 -8.01
C ILE D 136 -18.64 -4.54 -9.43
N PHE D 137 -17.89 -3.55 -9.94
CA PHE D 137 -17.41 -3.63 -11.30
C PHE D 137 -16.36 -4.72 -11.47
N TYR D 138 -15.83 -5.26 -10.37
CA TYR D 138 -14.90 -6.37 -10.49
C TYR D 138 -15.62 -7.69 -10.74
N ASN D 139 -16.93 -7.75 -10.51
CA ASN D 139 -17.69 -8.97 -10.70
C ASN D 139 -18.90 -8.81 -11.61
N HIS D 140 -19.18 -7.59 -12.08
CA HIS D 140 -20.36 -7.37 -12.91
C HIS D 140 -20.26 -8.16 -14.22
N THR D 141 -19.08 -8.18 -14.82
CA THR D 141 -18.87 -8.91 -16.07
C THR D 141 -18.41 -10.32 -15.79
N HIS D 142 -19.13 -11.30 -16.33
CA HIS D 142 -18.78 -12.70 -16.19
C HIS D 142 -18.31 -13.32 -17.49
N GLY D 143 -19.12 -13.24 -18.55
CA GLY D 143 -18.77 -13.73 -19.86
C GLY D 143 -18.16 -12.65 -20.73
N ARG D 144 -18.72 -12.49 -21.93
CA ARG D 144 -18.38 -11.40 -22.83
C ARG D 144 -16.98 -11.58 -23.39
N GLU D 145 -16.54 -10.63 -24.22
CA GLU D 145 -15.29 -10.79 -24.95
C GLU D 145 -14.14 -10.06 -24.24
N MET D 146 -12.93 -10.30 -24.74
CA MET D 146 -11.73 -9.75 -24.10
C MET D 146 -11.71 -8.23 -24.13
N LEU D 147 -12.23 -7.62 -25.19
CA LEU D 147 -12.24 -6.16 -25.27
C LEU D 147 -13.10 -5.54 -24.18
N ASP D 148 -14.31 -6.06 -23.99
CA ASP D 148 -15.19 -5.56 -22.94
C ASP D 148 -14.58 -5.79 -21.57
N ILE D 149 -13.97 -6.97 -21.37
CA ILE D 149 -13.34 -7.27 -20.08
C ILE D 149 -12.22 -6.28 -19.79
N PHE D 150 -11.39 -6.00 -20.80
CA PHE D 150 -10.28 -5.07 -20.64
C PHE D 150 -10.78 -3.66 -20.32
N VAL D 151 -11.82 -3.22 -21.02
CA VAL D 151 -12.34 -1.88 -20.78
C VAL D 151 -12.92 -1.77 -19.37
N HIS D 152 -13.67 -2.80 -18.93
CA HIS D 152 -14.21 -2.76 -17.58
C HIS D 152 -13.11 -2.83 -16.53
N GLN D 153 -12.02 -3.56 -16.81
CA GLN D 153 -10.90 -3.57 -15.88
C GLN D 153 -10.22 -2.21 -15.79
N LEU D 154 -10.11 -1.50 -16.92
CA LEU D 154 -9.60 -0.13 -16.86
C LEU D 154 -10.50 0.76 -16.03
N LEU D 155 -11.82 0.62 -16.19
CA LEU D 155 -12.75 1.39 -15.36
C LEU D 155 -12.57 1.07 -13.88
N VAL D 156 -12.39 -0.21 -13.56
CA VAL D 156 -12.14 -0.62 -12.17
C VAL D 156 -10.87 0.03 -11.64
N LEU D 157 -9.82 0.05 -12.46
CA LEU D 157 -8.56 0.67 -12.04
C LEU D 157 -8.76 2.15 -11.75
N VAL D 158 -9.49 2.85 -12.61
CA VAL D 158 -9.74 4.28 -12.40
C VAL D 158 -10.51 4.50 -11.11
N VAL D 159 -11.56 3.70 -10.88
CA VAL D 159 -12.35 3.86 -9.66
C VAL D 159 -11.52 3.59 -8.42
N PHE D 160 -10.68 2.55 -8.46
CA PHE D 160 -9.84 2.22 -7.31
C PHE D 160 -8.84 3.34 -7.02
N LEU D 161 -8.22 3.89 -8.06
CA LEU D 161 -7.30 5.00 -7.85
C LEU D 161 -8.01 6.22 -7.29
N THR D 162 -9.21 6.53 -7.78
CA THR D 162 -9.97 7.64 -7.23
C THR D 162 -10.31 7.41 -5.77
N GLY D 163 -10.70 6.19 -5.40
CA GLY D 163 -10.98 5.90 -4.01
C GLY D 163 -9.75 6.05 -3.12
N LEU D 164 -8.60 5.58 -3.59
CA LEU D 164 -7.38 5.75 -2.81
C LEU D 164 -7.03 7.21 -2.62
N VAL D 165 -7.18 8.01 -3.68
CA VAL D 165 -6.88 9.44 -3.56
C VAL D 165 -7.85 10.10 -2.59
N ALA D 166 -9.13 9.72 -2.63
CA ALA D 166 -10.10 10.28 -1.70
C ALA D 166 -9.76 9.92 -0.26
N PHE D 167 -9.38 8.67 -0.02
CA PHE D 167 -9.00 8.26 1.34
C PHE D 167 -7.78 9.03 1.82
N LEU D 168 -6.77 9.19 0.96
CA LEU D 168 -5.59 9.94 1.34
C LEU D 168 -5.93 11.40 1.62
N GLU D 169 -6.83 12.00 0.84
CA GLU D 169 -7.28 13.35 1.10
C GLU D 169 -8.01 13.43 2.44
N PHE D 170 -8.80 12.41 2.78
CA PHE D 170 -9.42 12.37 4.10
C PHE D 170 -8.37 12.33 5.21
N LEU D 171 -7.30 11.56 5.02
CA LEU D 171 -6.25 11.47 6.02
C LEU D 171 -5.51 12.80 6.21
N VAL D 172 -5.23 13.51 5.11
CA VAL D 172 -4.45 14.74 5.19
C VAL D 172 -5.35 15.94 4.93
N ARG D 173 -5.53 16.77 5.95
CA ARG D 173 -6.48 17.87 5.86
C ARG D 173 -6.00 18.95 4.90
N ASN D 174 -6.93 19.45 4.08
CA ASN D 174 -6.76 20.67 3.30
C ASN D 174 -5.55 20.59 2.37
N ASN D 175 -5.66 19.73 1.36
CA ASN D 175 -4.65 19.61 0.32
C ASN D 175 -5.30 19.97 -1.02
N VAL D 176 -4.98 21.16 -1.53
CA VAL D 176 -5.59 21.65 -2.76
C VAL D 176 -5.19 20.77 -3.93
N LEU D 177 -3.92 20.36 -3.98
CA LEU D 177 -3.44 19.50 -5.06
C LEU D 177 -4.18 18.18 -5.06
N LEU D 178 -4.41 17.59 -3.88
CA LEU D 178 -5.15 16.34 -3.81
C LEU D 178 -6.58 16.52 -4.30
N GLU D 179 -7.22 17.63 -3.94
CA GLU D 179 -8.58 17.89 -4.42
C GLU D 179 -8.61 18.03 -5.93
N LEU D 180 -7.64 18.73 -6.50
CA LEU D 180 -7.58 18.87 -7.96
C LEU D 180 -7.34 17.52 -8.62
N LEU D 181 -6.49 16.68 -8.03
CA LEU D 181 -6.25 15.35 -8.57
C LEU D 181 -7.52 14.50 -8.53
N ARG D 182 -8.28 14.59 -7.43
CA ARG D 182 -9.55 13.86 -7.35
C ARG D 182 -10.53 14.35 -8.41
N SER D 183 -10.61 15.67 -8.61
CA SER D 183 -11.50 16.19 -9.64
C SER D 183 -11.10 15.71 -11.03
N SER D 184 -9.79 15.71 -11.31
CA SER D 184 -9.31 15.22 -12.60
C SER D 184 -9.63 13.75 -12.79
N LEU D 185 -9.50 12.95 -11.73
CA LEU D 185 -9.85 11.54 -11.81
C LEU D 185 -11.34 11.35 -12.07
N ILE D 186 -12.19 12.17 -11.45
CA ILE D 186 -13.63 12.08 -11.69
C ILE D 186 -13.94 12.41 -13.15
N LEU D 187 -13.31 13.46 -13.68
CA LEU D 187 -13.51 13.81 -15.07
C LEU D 187 -13.03 12.70 -16.01
N LEU D 188 -11.91 12.08 -15.67
CA LEU D 188 -11.41 10.95 -16.47
C LEU D 188 -12.40 9.79 -16.43
N GLN D 189 -12.99 9.51 -15.26
CA GLN D 189 -13.98 8.45 -15.17
C GLN D 189 -15.18 8.74 -16.06
N GLY D 190 -15.65 9.99 -16.06
CA GLY D 190 -16.78 10.35 -16.92
C GLY D 190 -16.44 10.21 -18.39
N SER D 191 -15.28 10.70 -18.79
CA SER D 191 -14.87 10.59 -20.19
C SER D 191 -14.73 9.13 -20.60
N TRP D 192 -14.20 8.29 -19.71
CA TRP D 192 -14.08 6.89 -20.05
C TRP D 192 -15.44 6.19 -20.10
N PHE D 193 -16.39 6.62 -19.28
CA PHE D 193 -17.75 6.10 -19.42
C PHE D 193 -18.33 6.42 -20.78
N PHE D 194 -18.11 7.67 -21.24
CA PHE D 194 -18.56 8.04 -22.58
C PHE D 194 -17.87 7.20 -23.64
N GLN D 195 -16.57 6.95 -23.47
CA GLN D 195 -15.85 6.10 -24.41
C GLN D 195 -16.40 4.68 -24.44
N ILE D 196 -16.72 4.13 -23.26
CA ILE D 196 -17.32 2.81 -23.17
C ILE D 196 -18.62 2.77 -23.95
N GLY D 197 -19.45 3.80 -23.75
CA GLY D 197 -20.71 3.87 -24.48
C GLY D 197 -20.51 3.90 -25.97
N PHE D 198 -19.61 4.77 -26.43
CA PHE D 198 -19.36 4.93 -27.86
C PHE D 198 -18.78 3.67 -28.50
N VAL D 199 -17.99 2.89 -27.76
CA VAL D 199 -17.36 1.69 -28.29
C VAL D 199 -18.31 0.50 -28.28
N LEU D 200 -18.98 0.27 -27.15
CA LEU D 200 -19.83 -0.91 -27.03
C LEU D 200 -21.09 -0.78 -27.86
N TYR D 201 -21.75 0.39 -27.80
CA TYR D 201 -23.03 0.61 -28.48
C TYR D 201 -22.90 1.87 -29.33
N PRO D 202 -22.35 1.75 -30.54
CA PRO D 202 -22.18 2.93 -31.40
C PRO D 202 -23.53 3.55 -31.73
N PRO D 203 -23.59 4.89 -31.75
CA PRO D 203 -24.85 5.56 -32.10
C PRO D 203 -25.18 5.43 -33.58
N SER D 204 -24.21 5.01 -34.38
CA SER D 204 -24.42 4.87 -35.82
C SER D 204 -25.31 3.70 -36.17
N GLY D 205 -25.60 2.82 -35.22
CA GLY D 205 -26.45 1.66 -35.44
C GLY D 205 -25.71 0.39 -35.82
N GLY D 206 -24.67 0.52 -36.63
CA GLY D 206 -23.88 -0.62 -37.04
C GLY D 206 -22.61 -0.77 -36.24
N PRO D 207 -22.23 -2.01 -35.94
CA PRO D 207 -20.98 -2.24 -35.20
C PRO D 207 -19.77 -1.72 -35.98
N ALA D 208 -18.81 -1.19 -35.25
CA ALA D 208 -17.60 -0.63 -35.84
C ALA D 208 -16.32 -1.27 -35.33
N TRP D 209 -16.25 -1.60 -34.04
CA TRP D 209 -15.05 -2.15 -33.42
C TRP D 209 -15.26 -3.63 -33.15
N ASP D 210 -14.35 -4.47 -33.66
CA ASP D 210 -14.38 -5.89 -33.37
C ASP D 210 -14.06 -6.12 -31.89
N LEU D 211 -14.69 -7.14 -31.32
CA LEU D 211 -14.52 -7.44 -29.90
C LEU D 211 -13.26 -8.23 -29.59
N MET D 212 -12.52 -8.67 -30.61
CA MET D 212 -11.28 -9.44 -30.42
C MET D 212 -10.20 -8.84 -31.31
N ASP D 213 -9.43 -7.89 -30.77
CA ASP D 213 -8.34 -7.29 -31.52
C ASP D 213 -7.34 -6.67 -30.54
N HIS D 214 -6.12 -7.22 -30.52
CA HIS D 214 -5.06 -6.64 -29.71
C HIS D 214 -4.69 -5.24 -30.21
N GLU D 215 -4.85 -4.98 -31.50
CA GLU D 215 -4.67 -3.61 -32.00
C GLU D 215 -5.68 -2.67 -31.36
N ASN D 216 -6.93 -3.13 -31.20
CA ASN D 216 -7.92 -2.32 -30.51
C ASN D 216 -7.52 -2.07 -29.05
N ILE D 217 -6.97 -3.09 -28.39
CA ILE D 217 -6.51 -2.92 -27.01
C ILE D 217 -5.40 -1.88 -26.93
N LEU D 218 -4.43 -1.97 -27.85
CA LEU D 218 -3.34 -1.00 -27.88
C LEU D 218 -3.84 0.40 -28.15
N PHE D 219 -4.81 0.56 -29.06
CA PHE D 219 -5.37 1.88 -29.33
C PHE D 219 -6.14 2.39 -28.12
N LEU D 220 -6.84 1.51 -27.41
CA LEU D 220 -7.61 1.93 -26.25
C LEU D 220 -6.71 2.41 -25.13
N THR D 221 -5.54 1.78 -24.96
CA THR D 221 -4.60 2.26 -23.94
C THR D 221 -4.16 3.70 -24.24
N ILE D 222 -3.82 3.98 -25.49
CA ILE D 222 -3.41 5.33 -25.86
C ILE D 222 -4.57 6.31 -25.73
N CYS D 223 -5.79 5.85 -26.06
CA CYS D 223 -6.96 6.70 -25.90
C CYS D 223 -7.19 7.04 -24.43
N PHE D 224 -6.99 6.08 -23.54
CA PHE D 224 -7.11 6.34 -22.11
C PHE D 224 -6.08 7.36 -21.64
N CYS D 225 -4.83 7.21 -22.10
CA CYS D 225 -3.81 8.19 -21.74
C CYS D 225 -4.17 9.58 -22.27
N TRP D 226 -4.69 9.66 -23.50
CA TRP D 226 -5.09 10.95 -24.05
C TRP D 226 -6.24 11.55 -23.25
N HIS D 227 -7.19 10.72 -22.81
CA HIS D 227 -8.27 11.22 -21.97
C HIS D 227 -7.74 11.79 -20.67
N TYR D 228 -6.78 11.11 -20.05
CA TYR D 228 -6.19 11.64 -18.81
C TYR D 228 -5.49 12.98 -19.07
N ALA D 229 -4.76 13.08 -20.17
CA ALA D 229 -4.09 14.33 -20.52
C ALA D 229 -5.11 15.45 -20.75
N VAL D 230 -6.20 15.13 -21.45
CA VAL D 230 -7.24 16.11 -21.71
C VAL D 230 -7.88 16.59 -20.42
N THR D 231 -8.13 15.67 -19.49
CA THR D 231 -8.68 16.08 -18.19
C THR D 231 -7.72 16.99 -17.43
N ILE D 232 -6.43 16.69 -17.45
CA ILE D 232 -5.46 17.58 -16.80
C ILE D 232 -5.49 18.96 -17.44
N VAL D 233 -5.53 19.01 -18.77
CA VAL D 233 -5.58 20.29 -19.47
C VAL D 233 -6.85 21.06 -19.12
N ILE D 234 -7.98 20.35 -19.01
CA ILE D 234 -9.24 20.98 -18.67
C ILE D 234 -9.17 21.58 -17.26
N VAL D 235 -8.57 20.84 -16.33
CA VAL D 235 -8.43 21.37 -14.96
C VAL D 235 -7.56 22.63 -14.97
N GLY D 236 -6.46 22.61 -15.72
CA GLY D 236 -5.62 23.79 -15.82
C GLY D 236 -6.35 24.98 -16.41
N MET D 237 -7.10 24.74 -17.48
CA MET D 237 -7.87 25.82 -18.11
C MET D 237 -8.93 26.37 -17.16
N ASN D 238 -9.60 25.50 -16.40
CA ASN D 238 -10.58 25.97 -15.43
C ASN D 238 -9.93 26.82 -14.35
N TYR D 239 -8.74 26.40 -13.88
CA TYR D 239 -8.03 27.21 -12.89
C TYR D 239 -7.68 28.58 -13.45
N ALA D 240 -7.19 28.61 -14.70
CA ALA D 240 -6.85 29.88 -15.32
C ALA D 240 -8.08 30.77 -15.49
N PHE D 241 -9.20 30.18 -15.90
CA PHE D 241 -10.43 30.96 -16.10
C PHE D 241 -10.94 31.52 -14.78
N ILE D 242 -10.89 30.73 -13.70
CA ILE D 242 -11.34 31.23 -12.41
C ILE D 242 -10.41 32.34 -11.91
N THR D 243 -9.11 32.19 -12.12
CA THR D 243 -8.18 33.26 -11.75
C THR D 243 -8.49 34.54 -12.52
N TRP D 244 -8.75 34.41 -13.82
CA TRP D 244 -9.11 35.58 -14.64
C TRP D 244 -10.38 36.23 -14.13
N LEU D 245 -11.39 35.42 -13.80
CA LEU D 245 -12.65 35.97 -13.31
C LEU D 245 -12.46 36.69 -11.99
N VAL D 246 -11.67 36.12 -11.08
CA VAL D 246 -11.42 36.77 -9.80
C VAL D 246 -10.68 38.08 -10.01
N LYS D 247 -9.67 38.08 -10.90
CA LYS D 247 -8.93 39.32 -11.16
C LYS D 247 -9.84 40.39 -11.76
N SER D 248 -10.72 40.00 -12.67
CA SER D 248 -11.66 40.97 -13.26
C SER D 248 -12.63 41.51 -12.22
N ARG D 249 -13.12 40.64 -11.33
CA ARG D 249 -14.04 41.09 -10.29
C ARG D 249 -13.35 42.05 -9.32
N LEU D 250 -12.10 41.75 -8.96
CA LEU D 250 -11.35 42.60 -8.03
C LEU D 250 -10.98 43.92 -8.69
#